data_1KXR
#
_entry.id   1KXR
#
_cell.length_a   149.443
_cell.length_b   40.492
_cell.length_c   132.328
_cell.angle_alpha   90.00
_cell.angle_beta   105.96
_cell.angle_gamma   90.00
#
_symmetry.space_group_name_H-M   'C 1 2 1'
#
loop_
_entity.id
_entity.type
_entity.pdbx_description
1 polymer 'thiol protease DOMAINS I AND II'
2 non-polymer 'CALCIUM ION'
3 water water
#
_entity_poly.entity_id   1
_entity_poly.type   'polypeptide(L)'
_entity_poly.pdbx_seq_one_letter_code
;MGLGRHENAIKYLGQDYENLRARCLQNGVLFQDDAFPPVSHSLGFKELGPNSSKTYGIKWKRPTELLSNPQFIVDGATRT
DICQGALGDSWLLAAIASLTLNETILHRVVPYGQSFQEGYAGIFHFQLWQFGEWVDVVVDDLLPTKDGKLVFVHSAQGNE
FWSALLEKAYAKVNGSYEALSGGCTSEAFEDFTGGVTEWYDLQKAPSDLYQIILKALERGSLLGCSINISDIRDLEAITF
KNLVRGHAYSVTDAKQVTYQGQRVNLIRMRNPWGEVEWKGPWSDNSYEWNKVDPYEREQLRVKMEDGEFWMSFRDFIREF
TKLEICNLTPDLEHHHHHH
;
_entity_poly.pdbx_strand_id   A,B
#
# COMPACT_ATOMS: atom_id res chain seq x y z
N ASN A 8 12.27 20.53 42.98
CA ASN A 8 13.41 21.15 43.65
C ASN A 8 14.62 20.24 43.64
N ALA A 9 15.37 20.26 42.54
CA ALA A 9 16.56 19.42 42.40
C ALA A 9 17.67 19.91 43.32
N ILE A 10 18.73 19.12 43.44
CA ILE A 10 19.86 19.48 44.27
C ILE A 10 20.71 20.51 43.52
N LYS A 11 21.02 21.61 44.17
CA LYS A 11 21.80 22.69 43.56
C LYS A 11 23.29 22.39 43.38
N TYR A 12 23.74 22.26 42.15
CA TYR A 12 25.15 21.99 41.87
C TYR A 12 26.03 23.10 42.46
N LEU A 13 27.03 22.70 43.26
CA LEU A 13 27.95 23.64 43.89
C LEU A 13 27.24 24.64 44.82
N GLY A 14 25.94 24.42 45.05
CA GLY A 14 25.18 25.30 45.90
C GLY A 14 24.69 26.56 45.19
N GLN A 15 24.91 26.65 43.88
CA GLN A 15 24.47 27.82 43.14
C GLN A 15 22.95 27.75 43.00
N ASP A 16 22.27 28.81 43.44
CA ASP A 16 20.82 28.89 43.40
C ASP A 16 20.34 29.75 42.23
N TYR A 17 19.83 29.11 41.19
CA TYR A 17 19.34 29.81 40.01
C TYR A 17 18.43 31.00 40.30
N GLU A 18 17.31 30.76 40.97
CA GLU A 18 16.38 31.85 41.27
C GLU A 18 17.01 32.99 42.06
N ASN A 19 17.78 32.66 43.10
CA ASN A 19 18.42 33.69 43.92
C ASN A 19 19.41 34.52 43.12
N LEU A 20 20.24 33.83 42.35
CA LEU A 20 21.25 34.49 41.53
C LEU A 20 20.58 35.38 40.48
N ARG A 21 19.54 34.87 39.83
CA ARG A 21 18.85 35.66 38.81
C ARG A 21 18.25 36.90 39.46
N ALA A 22 17.56 36.70 40.57
CA ALA A 22 16.94 37.82 41.29
C ALA A 22 17.98 38.84 41.72
N ARG A 23 19.13 38.37 42.20
CA ARG A 23 20.19 39.26 42.65
C ARG A 23 20.80 40.07 41.50
N CYS A 24 20.96 39.46 40.33
CA CYS A 24 21.51 40.17 39.19
C CYS A 24 20.52 41.24 38.72
N LEU A 25 19.24 40.88 38.73
CA LEU A 25 18.18 41.79 38.32
C LEU A 25 18.15 43.03 39.20
N GLN A 26 18.20 42.82 40.52
CA GLN A 26 18.18 43.94 41.46
C GLN A 26 19.42 44.82 41.38
N ASN A 27 20.56 44.21 41.05
CA ASN A 27 21.83 44.94 40.96
C ASN A 27 22.06 45.52 39.57
N GLY A 28 21.08 45.35 38.68
CA GLY A 28 21.20 45.87 37.34
C GLY A 28 22.34 45.31 36.50
N VAL A 29 22.74 44.08 36.75
CA VAL A 29 23.83 43.47 35.99
C VAL A 29 23.44 42.09 35.44
N LEU A 30 24.30 41.56 34.57
CA LEU A 30 24.07 40.24 34.02
C LEU A 30 25.02 39.26 34.69
N PHE A 31 24.56 38.04 34.85
CA PHE A 31 25.32 36.98 35.51
C PHE A 31 26.63 36.59 34.82
N GLN A 32 27.68 36.42 35.62
CA GLN A 32 28.97 35.92 35.14
C GLN A 32 29.24 34.81 36.14
N ASP A 33 29.45 33.61 35.64
CA ASP A 33 29.66 32.42 36.45
C ASP A 33 31.08 32.16 36.96
N ASP A 34 31.29 32.35 38.26
CA ASP A 34 32.60 32.12 38.87
C ASP A 34 33.00 30.64 38.79
N ALA A 35 32.00 29.75 38.73
CA ALA A 35 32.24 28.31 38.67
C ALA A 35 32.61 27.80 37.27
N PHE A 36 32.36 28.63 36.26
CA PHE A 36 32.67 28.29 34.87
C PHE A 36 32.73 29.60 34.11
N PRO A 37 33.76 30.42 34.38
CA PRO A 37 33.95 31.73 33.75
C PRO A 37 34.26 31.77 32.26
N PRO A 38 33.97 32.91 31.63
CA PRO A 38 34.20 33.10 30.20
C PRO A 38 35.69 33.31 29.89
N VAL A 39 36.49 32.29 30.17
CA VAL A 39 37.93 32.34 29.92
C VAL A 39 38.43 31.02 29.32
N SER A 40 39.65 31.03 28.78
CA SER A 40 40.22 29.86 28.13
C SER A 40 40.12 28.55 28.91
N HIS A 41 40.25 28.60 30.24
CA HIS A 41 40.17 27.38 31.05
C HIS A 41 38.83 26.65 30.93
N SER A 42 37.79 27.37 30.51
CA SER A 42 36.48 26.75 30.35
C SER A 42 36.39 26.15 28.96
N LEU A 43 37.26 26.61 28.08
CA LEU A 43 37.31 26.09 26.72
C LEU A 43 38.06 24.77 26.74
N GLY A 44 39.29 24.80 27.27
CA GLY A 44 40.08 23.59 27.31
C GLY A 44 41.45 23.75 27.94
N PHE A 45 42.27 22.74 27.75
CA PHE A 45 43.62 22.69 28.31
C PHE A 45 44.68 22.25 27.30
N LYS A 46 44.28 21.60 26.23
CA LYS A 46 45.23 21.12 25.23
C LYS A 46 44.84 21.55 23.82
N GLU A 47 43.98 20.78 23.18
CA GLU A 47 43.53 21.09 21.83
C GLU A 47 42.74 22.40 21.82
N LEU A 48 42.12 22.72 22.95
CA LEU A 48 41.35 23.95 23.06
C LEU A 48 41.92 24.79 24.20
N GLY A 49 43.23 24.64 24.42
CA GLY A 49 43.90 25.38 25.47
C GLY A 49 44.25 26.79 25.01
N PRO A 50 44.65 27.67 25.95
CA PRO A 50 45.00 29.04 25.59
C PRO A 50 46.10 29.17 24.53
N ASN A 51 47.00 28.19 24.48
CA ASN A 51 48.11 28.21 23.51
C ASN A 51 47.80 27.46 22.21
N SER A 52 46.53 27.22 21.93
CA SER A 52 46.16 26.48 20.71
C SER A 52 45.61 27.38 19.61
N SER A 53 45.89 27.01 18.36
CA SER A 53 45.41 27.77 17.22
C SER A 53 43.91 27.54 17.02
N LYS A 54 43.39 26.47 17.59
CA LYS A 54 41.97 26.15 17.47
C LYS A 54 41.14 27.17 18.24
N THR A 55 41.75 27.87 19.19
CA THR A 55 41.02 28.86 19.97
C THR A 55 41.30 30.28 19.51
N TYR A 56 42.09 30.40 18.46
CA TYR A 56 42.43 31.71 17.92
C TYR A 56 41.16 32.39 17.42
N GLY A 57 40.96 33.65 17.86
CA GLY A 57 39.79 34.39 17.43
C GLY A 57 38.52 34.11 18.21
N ILE A 58 38.59 33.20 19.19
CA ILE A 58 37.40 32.88 19.97
C ILE A 58 37.10 33.99 20.97
N LYS A 59 35.86 34.46 20.95
CA LYS A 59 35.40 35.52 21.84
C LYS A 59 34.11 35.08 22.51
N TRP A 60 34.02 35.29 23.81
CA TRP A 60 32.82 34.91 24.55
C TRP A 60 31.76 35.99 24.44
N LYS A 61 30.60 35.64 23.90
CA LYS A 61 29.51 36.61 23.75
C LYS A 61 28.14 36.02 24.08
N ARG A 62 27.29 36.84 24.69
CA ARG A 62 25.94 36.43 25.05
C ARG A 62 25.04 36.56 23.82
N PRO A 63 23.96 35.76 23.76
CA PRO A 63 23.05 35.84 22.61
C PRO A 63 22.48 37.25 22.44
N THR A 64 22.29 37.94 23.56
CA THR A 64 21.76 39.30 23.57
C THR A 64 22.77 40.33 23.05
N GLU A 65 24.01 39.88 22.85
CA GLU A 65 25.06 40.74 22.33
C GLU A 65 25.23 40.41 20.85
N LEU A 66 24.79 39.21 20.47
CA LEU A 66 24.87 38.73 19.10
C LEU A 66 23.67 39.11 18.24
N LEU A 67 22.47 38.88 18.76
CA LEU A 67 21.25 39.15 18.02
C LEU A 67 20.34 40.16 18.72
N SER A 68 19.44 40.73 17.95
CA SER A 68 18.50 41.69 18.50
C SER A 68 17.31 40.95 19.13
N ASN A 69 17.01 39.76 18.63
CA ASN A 69 15.89 38.97 19.14
C ASN A 69 16.25 37.50 19.43
N PRO A 70 17.24 37.24 20.30
CA PRO A 70 17.58 35.84 20.59
C PRO A 70 16.43 35.11 21.25
N GLN A 71 16.30 33.81 20.99
CA GLN A 71 15.24 33.01 21.59
C GLN A 71 15.80 31.75 22.24
N PHE A 72 15.23 31.37 23.38
CA PHE A 72 15.66 30.16 24.06
C PHE A 72 15.21 28.97 23.22
N ILE A 73 13.91 28.94 22.95
CA ILE A 73 13.33 27.85 22.16
C ILE A 73 12.47 28.40 21.02
N VAL A 74 12.73 27.91 19.82
CA VAL A 74 11.97 28.32 18.64
C VAL A 74 11.34 27.10 17.99
N ASP A 75 10.04 27.14 17.77
CA ASP A 75 9.31 26.03 17.17
C ASP A 75 9.59 24.71 17.88
N GLY A 76 9.64 24.78 19.21
CA GLY A 76 9.89 23.60 20.02
C GLY A 76 11.37 23.20 20.09
N ALA A 77 11.71 22.39 21.07
CA ALA A 77 13.06 21.90 21.26
C ALA A 77 13.07 20.54 20.57
N THR A 78 13.60 20.50 19.36
CA THR A 78 13.63 19.27 18.58
C THR A 78 15.07 18.89 18.17
N ARG A 79 15.22 17.73 17.55
CA ARG A 79 16.55 17.28 17.18
C ARG A 79 17.27 18.11 16.11
N THR A 80 16.52 18.87 15.32
CA THR A 80 17.16 19.70 14.31
C THR A 80 17.89 20.87 14.97
N ASP A 81 17.62 21.10 16.26
CA ASP A 81 18.28 22.17 17.00
C ASP A 81 19.65 21.72 17.49
N ILE A 82 20.03 20.50 17.16
CA ILE A 82 21.31 19.95 17.60
C ILE A 82 22.30 19.78 16.45
N CYS A 83 23.13 20.79 16.24
CA CYS A 83 24.14 20.75 15.17
C CYS A 83 25.53 20.93 15.76
N GLN A 84 26.27 19.82 15.85
CA GLN A 84 27.61 19.76 16.41
C GLN A 84 28.57 20.82 15.89
N GLY A 85 29.40 21.34 16.79
CA GLY A 85 30.36 22.36 16.41
C GLY A 85 31.77 21.80 16.33
N ALA A 86 32.76 22.65 16.59
CA ALA A 86 34.16 22.23 16.52
C ALA A 86 34.58 21.46 17.77
N LEU A 87 33.84 20.40 18.08
CA LEU A 87 34.14 19.61 19.28
C LEU A 87 33.74 18.17 19.08
N GLY A 88 34.57 17.25 19.55
CA GLY A 88 34.26 15.84 19.41
C GLY A 88 33.30 15.30 20.44
N ASP A 89 32.14 15.94 20.61
CA ASP A 89 31.17 15.46 21.59
C ASP A 89 29.88 14.95 20.96
N SER A 90 30.01 14.13 19.90
CA SER A 90 28.84 13.57 19.25
C SER A 90 28.06 12.66 20.17
N TRP A 91 28.76 11.99 21.10
CA TRP A 91 28.10 11.10 22.04
C TRP A 91 27.04 11.86 22.85
N LEU A 92 27.43 13.03 23.35
CA LEU A 92 26.51 13.87 24.13
C LEU A 92 25.39 14.42 23.25
N LEU A 93 25.78 15.01 22.13
CA LEU A 93 24.83 15.61 21.19
C LEU A 93 23.81 14.61 20.65
N ALA A 94 24.25 13.38 20.39
CA ALA A 94 23.33 12.36 19.89
C ALA A 94 22.30 12.05 21.00
N ALA A 95 22.75 12.09 22.24
CA ALA A 95 21.87 11.82 23.38
C ALA A 95 20.82 12.92 23.51
N ILE A 96 21.24 14.18 23.39
CA ILE A 96 20.31 15.29 23.50
C ILE A 96 19.27 15.23 22.38
N ALA A 97 19.71 14.94 21.16
CA ALA A 97 18.79 14.84 20.03
C ALA A 97 17.72 13.80 20.33
N SER A 98 18.12 12.63 20.80
CA SER A 98 17.19 11.55 21.15
C SER A 98 16.26 12.01 22.27
N LEU A 99 16.84 12.73 23.24
CA LEU A 99 16.11 13.27 24.37
C LEU A 99 14.88 14.06 23.93
N THR A 100 15.04 14.85 22.87
CA THR A 100 13.95 15.67 22.36
C THR A 100 12.78 14.84 21.87
N LEU A 101 12.98 13.54 21.68
CA LEU A 101 11.92 12.67 21.20
C LEU A 101 11.04 12.20 22.36
N ASN A 102 11.44 12.53 23.58
CA ASN A 102 10.69 12.15 24.78
C ASN A 102 10.35 13.42 25.56
N GLU A 103 9.19 13.99 25.28
CA GLU A 103 8.72 15.22 25.92
C GLU A 103 8.94 15.21 27.44
N THR A 104 8.54 14.12 28.08
CA THR A 104 8.67 13.96 29.52
C THR A 104 10.10 14.23 30.01
N ILE A 105 11.07 13.51 29.48
CA ILE A 105 12.46 13.68 29.90
C ILE A 105 13.04 15.02 29.45
N LEU A 106 12.58 15.49 28.30
CA LEU A 106 13.05 16.76 27.77
C LEU A 106 12.77 17.89 28.75
N HIS A 107 11.54 17.94 29.25
CA HIS A 107 11.15 18.99 30.19
C HIS A 107 11.88 18.90 31.52
N ARG A 108 12.39 17.72 31.85
CA ARG A 108 13.14 17.52 33.09
C ARG A 108 14.49 18.24 32.94
N VAL A 109 15.23 17.85 31.91
CA VAL A 109 16.55 18.41 31.63
C VAL A 109 16.53 19.90 31.29
N VAL A 110 15.55 20.33 30.51
CA VAL A 110 15.44 21.73 30.10
C VAL A 110 14.23 22.39 30.76
N PRO A 111 14.43 23.03 31.91
CA PRO A 111 13.34 23.70 32.62
C PRO A 111 12.63 24.70 31.73
N TYR A 112 11.31 24.60 31.64
CA TYR A 112 10.56 25.55 30.82
C TYR A 112 10.47 26.88 31.53
N GLY A 113 10.09 27.93 30.80
CA GLY A 113 9.97 29.24 31.40
C GLY A 113 11.20 30.12 31.33
N GLN A 114 12.18 29.74 30.50
CA GLN A 114 13.39 30.53 30.38
C GLN A 114 13.37 31.30 29.06
N SER A 115 13.82 32.55 29.09
CA SER A 115 13.83 33.37 27.89
C SER A 115 14.80 34.54 28.01
N PHE A 116 14.96 35.26 26.91
CA PHE A 116 15.83 36.42 26.90
C PHE A 116 15.01 37.70 27.08
N GLN A 117 13.73 37.54 27.38
CA GLN A 117 12.84 38.69 27.58
C GLN A 117 12.62 39.01 29.06
N GLU A 118 11.36 38.97 29.48
CA GLU A 118 10.99 39.26 30.86
C GLU A 118 11.76 38.40 31.86
N GLY A 119 12.40 39.05 32.83
CA GLY A 119 13.17 38.33 33.83
C GLY A 119 14.56 37.87 33.45
N TYR A 120 15.03 38.26 32.26
CA TYR A 120 16.37 37.87 31.79
C TYR A 120 17.47 38.57 32.57
N ALA A 121 18.47 37.79 32.98
CA ALA A 121 19.60 38.36 33.72
C ALA A 121 20.89 37.65 33.34
N GLY A 122 20.93 37.13 32.12
CA GLY A 122 22.11 36.45 31.65
C GLY A 122 22.40 35.13 32.35
N ILE A 123 21.37 34.47 32.86
CA ILE A 123 21.55 33.21 33.56
C ILE A 123 20.50 32.18 33.18
N PHE A 124 20.94 30.93 32.99
CA PHE A 124 20.04 29.86 32.64
C PHE A 124 20.39 28.63 33.47
N HIS A 125 19.49 27.66 33.53
CA HIS A 125 19.77 26.45 34.30
C HIS A 125 19.25 25.20 33.63
N PHE A 126 19.88 24.08 33.94
CA PHE A 126 19.50 22.78 33.38
C PHE A 126 19.67 21.75 34.49
N GLN A 127 18.98 20.61 34.36
CA GLN A 127 19.09 19.57 35.38
C GLN A 127 19.69 18.30 34.77
N LEU A 128 20.67 17.76 35.47
CA LEU A 128 21.36 16.55 35.03
C LEU A 128 21.38 15.51 36.14
N TRP A 129 21.58 14.25 35.75
CA TRP A 129 21.68 13.18 36.72
C TRP A 129 23.18 13.05 36.95
N GLN A 130 23.64 13.57 38.09
CA GLN A 130 25.06 13.55 38.43
C GLN A 130 25.26 13.18 39.90
N PHE A 131 26.45 12.67 40.21
CA PHE A 131 26.78 12.28 41.59
C PHE A 131 25.68 11.41 42.18
N GLY A 132 24.95 10.70 41.31
CA GLY A 132 23.89 9.85 41.78
C GLY A 132 22.64 10.56 42.26
N GLU A 133 22.28 11.65 41.57
CA GLU A 133 21.09 12.41 41.94
C GLU A 133 20.77 13.50 40.93
N TRP A 134 19.56 14.03 40.99
CA TRP A 134 19.16 15.09 40.08
C TRP A 134 19.69 16.41 40.57
N VAL A 135 20.52 17.04 39.74
CA VAL A 135 21.15 18.29 40.09
C VAL A 135 20.78 19.42 39.13
N ASP A 136 20.63 20.63 39.69
CA ASP A 136 20.32 21.80 38.90
C ASP A 136 21.64 22.55 38.70
N VAL A 137 21.99 22.77 37.44
CA VAL A 137 23.23 23.45 37.09
C VAL A 137 22.93 24.78 36.40
N VAL A 138 23.60 25.84 36.83
CA VAL A 138 23.40 27.15 36.22
C VAL A 138 24.61 27.49 35.36
N VAL A 139 24.42 28.44 34.44
CA VAL A 139 25.48 28.93 33.56
C VAL A 139 25.08 30.33 33.15
N ASP A 140 26.05 31.20 32.88
CA ASP A 140 25.72 32.53 32.37
C ASP A 140 25.60 32.26 30.88
N ASP A 141 25.04 33.19 30.10
CA ASP A 141 24.88 32.92 28.68
C ASP A 141 26.02 33.35 27.75
N LEU A 142 27.19 33.58 28.31
CA LEU A 142 28.35 33.94 27.50
C LEU A 142 28.74 32.64 26.80
N LEU A 143 28.77 32.68 25.46
CA LEU A 143 29.08 31.49 24.68
C LEU A 143 30.30 31.69 23.76
N PRO A 144 31.07 30.62 23.52
CA PRO A 144 32.23 30.77 22.65
C PRO A 144 31.78 31.06 21.23
N THR A 145 32.32 32.12 20.63
CA THR A 145 31.96 32.47 19.26
C THR A 145 33.19 32.86 18.46
N LYS A 146 33.05 32.81 17.14
CA LYS A 146 34.11 33.19 16.22
C LYS A 146 33.40 33.89 15.08
N ASP A 147 33.75 35.15 14.85
CA ASP A 147 33.11 35.91 13.77
C ASP A 147 31.60 36.03 13.98
N GLY A 148 31.17 36.13 15.23
CA GLY A 148 29.76 36.26 15.53
C GLY A 148 28.93 34.99 15.50
N LYS A 149 29.56 33.87 15.17
CA LYS A 149 28.88 32.58 15.11
C LYS A 149 29.38 31.60 16.19
N LEU A 150 28.45 30.85 16.77
CA LEU A 150 28.77 29.87 17.81
C LEU A 150 29.83 28.86 17.36
N VAL A 151 30.86 28.67 18.18
CA VAL A 151 31.93 27.73 17.85
C VAL A 151 31.52 26.27 18.08
N PHE A 152 30.70 26.03 19.10
CA PHE A 152 30.28 24.67 19.40
C PHE A 152 28.87 24.33 18.93
N VAL A 153 28.10 23.56 19.69
CA VAL A 153 26.77 23.20 19.23
C VAL A 153 25.89 24.41 18.94
N HIS A 154 25.04 24.29 17.93
CA HIS A 154 24.12 25.37 17.54
C HIS A 154 22.87 24.77 16.88
N SER A 155 21.82 25.57 16.80
CA SER A 155 20.57 25.09 16.20
C SER A 155 20.47 25.46 14.73
N ALA A 156 19.65 24.70 14.00
CA ALA A 156 19.43 24.98 12.58
C ALA A 156 18.78 26.36 12.54
N GLN A 157 18.15 26.72 13.64
CA GLN A 157 17.52 28.04 13.79
C GLN A 157 18.60 28.94 14.37
N GLY A 158 19.13 29.83 13.54
CA GLY A 158 20.21 30.71 13.95
C GLY A 158 19.97 31.58 15.17
N ASN A 159 18.72 31.75 15.59
CA ASN A 159 18.41 32.58 16.74
C ASN A 159 17.98 31.78 17.97
N GLU A 160 18.18 30.46 17.93
CA GLU A 160 17.77 29.59 19.04
C GLU A 160 18.99 29.16 19.87
N PHE A 161 18.89 29.31 21.19
CA PHE A 161 20.03 29.00 22.05
C PHE A 161 19.92 27.95 23.15
N TRP A 162 18.77 27.28 23.30
CA TRP A 162 18.65 26.31 24.37
C TRP A 162 19.67 25.16 24.31
N SER A 163 19.97 24.67 23.11
CA SER A 163 20.91 23.55 23.02
C SER A 163 22.35 23.99 23.28
N ALA A 164 22.70 25.20 22.86
CA ALA A 164 24.05 25.70 23.09
C ALA A 164 24.26 25.90 24.59
N LEU A 165 23.22 26.37 25.27
CA LEU A 165 23.30 26.62 26.70
C LEU A 165 23.34 25.28 27.45
N LEU A 166 22.59 24.29 26.97
CA LEU A 166 22.59 22.97 27.62
C LEU A 166 23.96 22.30 27.48
N GLU A 167 24.57 22.44 26.31
CA GLU A 167 25.89 21.86 26.09
C GLU A 167 26.91 22.54 27.00
N LYS A 168 26.73 23.83 27.24
CA LYS A 168 27.65 24.57 28.11
C LYS A 168 27.52 24.06 29.54
N ALA A 169 26.29 23.79 29.97
CA ALA A 169 26.05 23.31 31.31
C ALA A 169 26.72 21.95 31.50
N TYR A 170 26.64 21.10 30.48
CA TYR A 170 27.25 19.78 30.55
C TYR A 170 28.78 19.93 30.58
N ALA A 171 29.29 20.87 29.78
CA ALA A 171 30.72 21.12 29.73
C ALA A 171 31.17 21.59 31.12
N LYS A 172 30.36 22.44 31.73
CA LYS A 172 30.66 22.98 33.05
C LYS A 172 30.86 21.88 34.12
N VAL A 173 29.93 20.95 34.22
CA VAL A 173 30.05 19.92 35.24
C VAL A 173 31.25 19.00 34.98
N ASN A 174 31.73 19.00 33.74
CA ASN A 174 32.87 18.17 33.37
C ASN A 174 34.19 18.94 33.42
N GLY A 175 34.12 20.25 33.57
CA GLY A 175 35.34 21.04 33.67
C GLY A 175 35.69 21.98 32.52
N SER A 176 35.26 21.63 31.31
CA SER A 176 35.55 22.44 30.14
C SER A 176 34.96 21.77 28.91
N TYR A 177 34.94 22.48 27.79
CA TYR A 177 34.42 21.90 26.56
C TYR A 177 35.32 20.75 26.12
N GLU A 178 36.63 20.93 26.22
CA GLU A 178 37.56 19.89 25.80
C GLU A 178 37.35 18.58 26.57
N ALA A 179 37.00 18.69 27.84
CA ALA A 179 36.75 17.50 28.66
C ALA A 179 35.67 16.61 28.03
N LEU A 180 34.86 17.21 27.15
CA LEU A 180 33.80 16.47 26.48
C LEU A 180 34.27 15.85 25.16
N SER A 181 35.55 16.02 24.82
CA SER A 181 36.06 15.49 23.57
C SER A 181 36.21 13.97 23.60
N GLY A 182 35.31 13.28 22.89
CA GLY A 182 35.33 11.84 22.85
C GLY A 182 34.63 11.28 24.08
N GLY A 183 33.73 10.32 23.88
CA GLY A 183 33.02 9.75 25.01
C GLY A 183 32.08 8.62 24.65
N CYS A 184 31.34 8.16 25.65
CA CYS A 184 30.41 7.06 25.50
C CYS A 184 28.98 7.61 25.54
N THR A 185 28.21 7.35 24.48
CA THR A 185 26.85 7.85 24.39
C THR A 185 26.02 7.47 25.61
N SER A 186 26.26 6.28 26.16
CA SER A 186 25.54 5.82 27.33
C SER A 186 25.72 6.70 28.56
N GLU A 187 26.90 7.28 28.71
CA GLU A 187 27.17 8.17 29.85
C GLU A 187 26.22 9.36 29.79
N ALA A 188 25.97 9.85 28.58
CA ALA A 188 25.09 10.98 28.38
C ALA A 188 23.64 10.54 28.67
N PHE A 189 23.27 9.37 28.16
CA PHE A 189 21.92 8.85 28.36
C PHE A 189 21.62 8.79 29.87
N GLU A 190 22.58 8.28 30.63
CA GLU A 190 22.47 8.16 32.08
C GLU A 190 22.37 9.53 32.74
N ASP A 191 23.23 10.45 32.32
CA ASP A 191 23.24 11.81 32.87
C ASP A 191 21.97 12.58 32.53
N PHE A 192 21.15 12.03 31.64
CA PHE A 192 19.90 12.68 31.27
C PHE A 192 18.66 11.93 31.75
N THR A 193 18.86 10.71 32.26
CA THR A 193 17.72 9.91 32.70
C THR A 193 17.88 9.19 34.03
N GLY A 194 19.11 8.79 34.35
CA GLY A 194 19.32 8.04 35.57
C GLY A 194 18.70 6.67 35.34
N GLY A 195 18.60 6.29 34.06
CA GLY A 195 18.02 5.01 33.70
C GLY A 195 19.05 3.91 33.45
N VAL A 196 18.57 2.75 33.04
CA VAL A 196 19.43 1.62 32.77
C VAL A 196 19.89 1.61 31.31
N THR A 197 21.20 1.56 31.12
CA THR A 197 21.75 1.55 29.77
C THR A 197 22.19 0.14 29.42
N GLU A 198 22.11 -0.19 28.14
CA GLU A 198 22.51 -1.49 27.66
C GLU A 198 23.04 -1.31 26.24
N TRP A 199 24.03 -2.11 25.86
CA TRP A 199 24.58 -1.99 24.51
C TRP A 199 24.57 -3.33 23.78
N TYR A 200 24.64 -3.27 22.46
CA TYR A 200 24.63 -4.48 21.65
C TYR A 200 25.75 -4.48 20.63
N ASP A 201 26.39 -5.64 20.49
CA ASP A 201 27.46 -5.81 19.51
C ASP A 201 26.67 -6.19 18.26
N LEU A 202 26.55 -5.26 17.32
CA LEU A 202 25.79 -5.53 16.11
C LEU A 202 26.33 -6.70 15.28
N GLN A 203 27.62 -6.98 15.39
CA GLN A 203 28.20 -8.11 14.64
C GLN A 203 27.67 -9.42 15.23
N LYS A 204 27.13 -9.34 16.44
CA LYS A 204 26.58 -10.49 17.12
C LYS A 204 25.15 -10.15 17.55
N ALA A 205 24.45 -9.45 16.66
CA ALA A 205 23.08 -9.01 16.90
C ALA A 205 22.08 -10.13 17.16
N PRO A 206 21.23 -9.96 18.20
CA PRO A 206 20.22 -10.95 18.53
C PRO A 206 19.24 -11.06 17.37
N SER A 207 18.57 -12.20 17.23
CA SER A 207 17.62 -12.39 16.14
C SER A 207 16.41 -11.48 16.25
N ASP A 208 16.10 -11.04 17.47
CA ASP A 208 14.95 -10.16 17.67
C ASP A 208 15.37 -8.74 18.02
N LEU A 209 16.57 -8.35 17.60
CA LEU A 209 17.06 -7.01 17.89
C LEU A 209 16.14 -5.92 17.34
N TYR A 210 15.60 -6.14 16.14
CA TYR A 210 14.72 -5.14 15.55
C TYR A 210 13.48 -4.96 16.42
N GLN A 211 12.97 -6.07 16.95
CA GLN A 211 11.80 -6.05 17.82
C GLN A 211 12.15 -5.28 19.10
N ILE A 212 13.37 -5.51 19.59
CA ILE A 212 13.83 -4.83 20.79
C ILE A 212 13.84 -3.33 20.49
N ILE A 213 14.37 -2.98 19.32
CA ILE A 213 14.43 -1.57 18.92
C ILE A 213 13.03 -0.96 18.85
N LEU A 214 12.08 -1.67 18.25
CA LEU A 214 10.71 -1.17 18.13
C LEU A 214 10.06 -0.79 19.46
N LYS A 215 10.06 -1.72 20.41
CA LYS A 215 9.47 -1.46 21.72
C LYS A 215 10.22 -0.38 22.47
N ALA A 216 11.54 -0.32 22.32
CA ALA A 216 12.34 0.68 22.98
C ALA A 216 11.91 2.07 22.51
N LEU A 217 11.80 2.23 21.18
CA LEU A 217 11.38 3.51 20.61
C LEU A 217 9.94 3.85 21.02
N GLU A 218 9.11 2.83 21.12
CA GLU A 218 7.71 3.04 21.49
C GLU A 218 7.62 3.61 22.91
N ARG A 219 8.42 3.06 23.82
CA ARG A 219 8.41 3.51 25.21
C ARG A 219 9.13 4.84 25.40
N GLY A 220 9.73 5.34 24.33
CA GLY A 220 10.44 6.61 24.43
C GLY A 220 11.86 6.48 24.97
N SER A 221 12.43 5.28 24.89
CA SER A 221 13.80 5.05 25.35
C SER A 221 14.75 5.81 24.44
N LEU A 222 15.99 6.01 24.90
CA LEU A 222 16.97 6.71 24.10
C LEU A 222 17.89 5.68 23.43
N LEU A 223 18.09 5.83 22.12
CA LEU A 223 18.93 4.92 21.36
C LEU A 223 19.96 5.65 20.51
N GLY A 224 21.17 5.09 20.49
CA GLY A 224 22.24 5.66 19.72
C GLY A 224 23.09 4.55 19.11
N CYS A 225 23.75 4.83 18.00
CA CYS A 225 24.60 3.82 17.37
C CYS A 225 25.88 4.46 16.87
N SER A 226 26.90 3.62 16.68
CA SER A 226 28.19 4.10 16.22
C SER A 226 28.99 3.02 15.51
N ILE A 227 30.10 3.43 14.90
CA ILE A 227 30.95 2.52 14.16
C ILE A 227 32.37 2.55 14.72
N ASN A 228 32.85 1.39 15.17
CA ASN A 228 34.21 1.27 15.70
C ASN A 228 35.09 0.60 14.66
N ILE A 229 36.04 1.35 14.10
CA ILE A 229 36.92 0.84 13.06
C ILE A 229 38.25 0.34 13.62
N SER A 230 38.99 -0.41 12.80
CA SER A 230 40.29 -0.95 13.21
C SER A 230 41.22 0.17 13.66
N ASP A 231 41.52 1.09 12.75
CA ASP A 231 42.39 2.22 13.02
C ASP A 231 42.12 2.82 14.40
N ILE A 232 43.11 2.74 15.29
CA ILE A 232 42.98 3.26 16.64
C ILE A 232 43.54 4.68 16.78
N ARG A 233 44.76 4.87 16.30
CA ARG A 233 45.43 6.17 16.36
C ARG A 233 44.93 7.12 15.27
N ASP A 234 43.83 7.81 15.54
CA ASP A 234 43.23 8.75 14.59
C ASP A 234 41.96 9.38 15.17
N LEU A 235 40.89 8.59 15.21
CA LEU A 235 39.60 9.03 15.73
C LEU A 235 38.91 10.10 14.88
N GLU A 236 37.58 10.02 14.81
CA GLU A 236 36.77 10.97 14.05
C GLU A 236 37.14 11.03 12.56
N ALA A 237 36.36 10.36 11.72
CA ALA A 237 36.61 10.35 10.28
C ALA A 237 35.52 9.62 9.50
N ILE A 238 35.24 10.09 8.28
CA ILE A 238 34.21 9.49 7.44
C ILE A 238 34.77 8.39 6.54
N THR A 239 33.90 7.80 5.71
CA THR A 239 34.31 6.74 4.80
C THR A 239 33.86 7.02 3.37
N PHE A 240 33.90 5.99 2.53
CA PHE A 240 33.49 6.09 1.13
C PHE A 240 31.97 5.99 1.07
N LYS A 241 31.38 5.35 2.08
CA LYS A 241 29.92 5.18 2.16
C LYS A 241 29.27 6.36 2.86
N ASN A 242 30.05 7.42 3.06
CA ASN A 242 29.59 8.64 3.71
C ASN A 242 29.06 8.44 5.13
N LEU A 243 29.75 7.59 5.88
CA LEU A 243 29.42 7.32 7.28
C LEU A 243 30.64 7.75 8.08
N VAL A 244 30.44 8.16 9.33
CA VAL A 244 31.55 8.61 10.16
C VAL A 244 31.84 7.60 11.26
N ARG A 245 33.12 7.29 11.46
CA ARG A 245 33.53 6.33 12.50
C ARG A 245 33.74 7.04 13.84
N GLY A 246 33.68 6.27 14.93
CA GLY A 246 33.85 6.85 16.25
C GLY A 246 32.94 8.05 16.42
N HIS A 247 31.78 7.99 15.79
CA HIS A 247 30.83 9.09 15.79
C HIS A 247 29.44 8.60 16.14
N ALA A 248 28.87 9.16 17.21
CA ALA A 248 27.53 8.76 17.63
C ALA A 248 26.41 9.32 16.76
N TYR A 249 25.45 8.47 16.42
CA TYR A 249 24.27 8.86 15.64
C TYR A 249 23.07 8.58 16.55
N SER A 250 22.02 9.39 16.43
CA SER A 250 20.82 9.18 17.22
C SER A 250 19.90 8.29 16.38
N VAL A 251 19.35 7.23 16.96
CA VAL A 251 18.41 6.38 16.24
C VAL A 251 17.06 7.05 16.51
N THR A 252 16.42 7.54 15.46
CA THR A 252 15.17 8.27 15.63
C THR A 252 13.86 7.59 15.22
N ASP A 253 13.94 6.42 14.60
CA ASP A 253 12.72 5.73 14.19
C ASP A 253 13.05 4.32 13.69
N ALA A 254 12.01 3.53 13.53
CA ALA A 254 12.11 2.16 13.05
C ALA A 254 10.75 1.83 12.47
N LYS A 255 10.70 1.61 11.15
CA LYS A 255 9.45 1.31 10.47
C LYS A 255 9.62 0.24 9.40
N GLN A 256 8.54 -0.49 9.12
CA GLN A 256 8.56 -1.53 8.10
C GLN A 256 7.86 -1.03 6.85
N VAL A 257 8.37 -1.39 5.68
CA VAL A 257 7.76 -0.96 4.42
C VAL A 257 7.61 -2.16 3.51
N THR A 258 6.77 -2.03 2.49
CA THR A 258 6.56 -3.11 1.54
C THR A 258 7.39 -2.76 0.30
N TYR A 259 8.43 -3.54 0.07
CA TYR A 259 9.31 -3.32 -1.07
C TYR A 259 9.16 -4.47 -2.05
N GLN A 260 8.88 -4.14 -3.30
CA GLN A 260 8.72 -5.14 -4.33
C GLN A 260 7.78 -6.26 -3.88
N GLY A 261 6.84 -5.92 -2.98
CA GLY A 261 5.89 -6.89 -2.50
C GLY A 261 6.19 -7.57 -1.18
N GLN A 262 7.31 -7.22 -0.54
CA GLN A 262 7.64 -7.84 0.74
C GLN A 262 7.96 -6.89 1.88
N ARG A 263 8.08 -7.45 3.07
CA ARG A 263 8.38 -6.70 4.27
C ARG A 263 9.88 -6.44 4.41
N VAL A 264 10.24 -5.17 4.55
CA VAL A 264 11.63 -4.78 4.72
C VAL A 264 11.72 -3.92 5.99
N ASN A 265 12.60 -4.32 6.91
CA ASN A 265 12.77 -3.58 8.16
C ASN A 265 13.72 -2.41 7.94
N LEU A 266 13.23 -1.20 8.24
CA LEU A 266 14.05 0.00 8.08
C LEU A 266 14.30 0.69 9.41
N ILE A 267 15.41 1.41 9.49
CA ILE A 267 15.75 2.12 10.71
C ILE A 267 16.23 3.53 10.33
N ARG A 268 15.78 4.53 11.07
CA ARG A 268 16.17 5.91 10.79
C ARG A 268 17.07 6.45 11.88
N MET A 269 18.12 7.16 11.46
CA MET A 269 19.06 7.74 12.42
C MET A 269 19.46 9.14 11.98
N ARG A 270 20.05 9.90 12.90
CA ARG A 270 20.47 11.26 12.60
C ARG A 270 21.89 11.57 13.06
N ASN A 271 22.68 12.11 12.13
CA ASN A 271 24.05 12.51 12.39
C ASN A 271 23.98 13.83 13.13
N PRO A 272 24.58 13.92 14.34
CA PRO A 272 24.53 15.17 15.10
C PRO A 272 25.14 16.39 14.40
N TRP A 273 25.88 16.15 13.31
CA TRP A 273 26.46 17.25 12.54
C TRP A 273 25.32 17.99 11.83
N GLY A 274 24.19 17.31 11.66
CA GLY A 274 23.07 17.91 10.96
C GLY A 274 23.31 17.88 9.46
N GLU A 275 24.26 17.07 9.03
CA GLU A 275 24.61 16.92 7.61
C GLU A 275 25.49 15.69 7.39
N VAL A 276 25.74 15.34 6.13
CA VAL A 276 26.55 14.17 5.76
C VAL A 276 25.76 12.91 6.10
N GLU A 277 25.11 12.37 5.08
CA GLU A 277 24.26 11.19 5.22
C GLU A 277 24.67 9.98 4.38
N TRP A 278 24.10 8.85 4.76
CA TRP A 278 24.30 7.58 4.06
C TRP A 278 23.76 7.79 2.64
N LYS A 279 24.46 7.23 1.65
CA LYS A 279 24.08 7.35 0.24
C LYS A 279 23.66 6.00 -0.35
N GLY A 280 23.68 4.95 0.46
CA GLY A 280 23.31 3.64 -0.04
C GLY A 280 21.81 3.43 -0.11
N PRO A 281 21.35 2.17 -0.23
CA PRO A 281 19.92 1.87 -0.31
C PRO A 281 19.10 2.59 0.76
N TRP A 282 17.94 3.10 0.34
CA TRP A 282 17.02 3.81 1.23
C TRP A 282 17.43 5.21 1.64
N SER A 283 18.53 5.71 1.07
CA SER A 283 18.97 7.08 1.36
C SER A 283 17.90 8.04 0.82
N ASP A 284 17.96 9.29 1.23
CA ASP A 284 16.97 10.29 0.82
C ASP A 284 16.54 10.25 -0.64
N ASN A 285 17.50 10.20 -1.57
CA ASN A 285 17.16 10.19 -2.99
C ASN A 285 17.46 8.86 -3.66
N SER A 286 17.41 7.77 -2.89
CA SER A 286 17.72 6.46 -3.43
C SER A 286 16.58 5.91 -4.30
N TYR A 287 16.93 4.97 -5.18
CA TYR A 287 15.99 4.35 -6.11
C TYR A 287 14.89 3.51 -5.45
N GLU A 288 15.21 2.86 -4.33
CA GLU A 288 14.24 2.01 -3.63
C GLU A 288 12.89 2.69 -3.35
N TRP A 289 12.90 3.98 -3.04
CA TRP A 289 11.68 4.70 -2.74
C TRP A 289 10.69 4.72 -3.90
N ASN A 290 11.16 4.37 -5.09
CA ASN A 290 10.30 4.36 -6.26
C ASN A 290 9.45 3.08 -6.31
N LYS A 291 9.96 2.02 -5.69
CA LYS A 291 9.27 0.74 -5.68
C LYS A 291 8.44 0.52 -4.42
N VAL A 292 8.02 1.61 -3.80
CA VAL A 292 7.19 1.55 -2.59
C VAL A 292 5.95 2.41 -2.82
N ASP A 293 4.80 1.95 -2.35
CA ASP A 293 3.55 2.70 -2.50
C ASP A 293 3.73 4.14 -2.04
N PRO A 294 3.31 5.10 -2.87
CA PRO A 294 3.41 6.53 -2.57
C PRO A 294 3.03 6.92 -1.14
N TYR A 295 1.90 6.41 -0.66
CA TYR A 295 1.45 6.71 0.69
C TYR A 295 2.54 6.44 1.71
N GLU A 296 3.01 5.20 1.73
CA GLU A 296 4.03 4.76 2.66
C GLU A 296 5.33 5.56 2.51
N ARG A 297 5.75 5.82 1.28
CA ARG A 297 6.99 6.57 1.05
C ARG A 297 6.79 8.05 1.32
N GLU A 298 5.54 8.49 1.29
CA GLU A 298 5.21 9.89 1.54
C GLU A 298 5.31 10.15 3.04
N GLN A 299 5.02 9.14 3.84
CA GLN A 299 5.00 9.27 5.29
C GLN A 299 6.39 8.97 5.86
N LEU A 300 7.28 8.36 5.12
CA LEU A 300 8.59 8.02 5.65
C LEU A 300 9.76 8.83 5.06
N ARG A 301 9.91 8.81 3.74
CA ARG A 301 11.01 9.53 3.10
C ARG A 301 10.91 11.05 3.15
N VAL A 302 12.06 11.67 3.38
CA VAL A 302 12.17 13.12 3.41
C VAL A 302 13.45 13.54 2.70
N LYS A 303 13.30 14.27 1.60
CA LYS A 303 14.45 14.74 0.84
C LYS A 303 14.92 16.03 1.51
N MET A 304 16.08 15.97 2.15
CA MET A 304 16.61 17.13 2.83
C MET A 304 17.96 16.78 3.45
N GLU A 305 18.95 17.65 3.24
CA GLU A 305 20.26 17.44 3.83
C GLU A 305 20.15 17.92 5.28
N ASP A 306 19.69 17.03 6.14
CA ASP A 306 19.49 17.34 7.55
C ASP A 306 20.29 16.40 8.44
N GLY A 307 21.04 15.51 7.82
CA GLY A 307 21.85 14.57 8.58
C GLY A 307 21.06 13.34 9.01
N GLU A 308 19.76 13.34 8.74
CA GLU A 308 18.89 12.23 9.11
C GLU A 308 18.58 11.40 7.87
N PHE A 309 18.53 10.08 8.03
CA PHE A 309 18.28 9.22 6.88
C PHE A 309 17.87 7.82 7.31
N TRP A 310 17.37 7.05 6.34
CA TRP A 310 16.96 5.68 6.60
C TRP A 310 17.98 4.69 6.04
N MET A 311 17.96 3.48 6.60
CA MET A 311 18.80 2.37 6.17
C MET A 311 17.96 1.13 6.42
N SER A 312 18.18 0.09 5.62
CA SER A 312 17.46 -1.16 5.86
C SER A 312 18.14 -1.69 7.12
N PHE A 313 17.40 -2.45 7.92
CA PHE A 313 17.98 -3.00 9.14
C PHE A 313 19.17 -3.90 8.78
N ARG A 314 19.07 -4.55 7.63
CA ARG A 314 20.14 -5.42 7.15
C ARG A 314 21.45 -4.66 6.98
N ASP A 315 21.40 -3.51 6.29
CA ASP A 315 22.60 -2.71 6.08
C ASP A 315 23.10 -2.11 7.40
N PHE A 316 22.17 -1.73 8.27
CA PHE A 316 22.51 -1.13 9.56
C PHE A 316 23.39 -2.03 10.44
N ILE A 317 22.97 -3.28 10.65
CA ILE A 317 23.74 -4.17 11.50
C ILE A 317 25.06 -4.58 10.86
N ARG A 318 25.20 -4.36 9.56
CA ARG A 318 26.45 -4.68 8.89
C ARG A 318 27.42 -3.51 8.99
N GLU A 319 26.93 -2.31 8.66
CA GLU A 319 27.78 -1.10 8.68
C GLU A 319 28.11 -0.60 10.08
N PHE A 320 27.12 -0.57 10.98
CA PHE A 320 27.37 -0.10 12.34
C PHE A 320 27.83 -1.24 13.25
N THR A 321 28.61 -0.92 14.28
CA THR A 321 29.12 -1.97 15.16
C THR A 321 28.51 -1.99 16.54
N LYS A 322 28.04 -0.84 17.01
CA LYS A 322 27.47 -0.76 18.35
C LYS A 322 26.14 -0.02 18.41
N LEU A 323 25.23 -0.56 19.22
CA LEU A 323 23.92 0.04 19.45
C LEU A 323 23.76 0.18 20.96
N GLU A 324 23.38 1.37 21.40
CA GLU A 324 23.19 1.64 22.81
C GLU A 324 21.76 2.08 23.08
N ILE A 325 21.17 1.57 24.15
CA ILE A 325 19.79 1.91 24.50
C ILE A 325 19.65 2.24 25.98
N CYS A 326 18.98 3.35 26.28
CA CYS A 326 18.77 3.72 27.67
C CYS A 326 17.37 3.29 28.10
N ASN A 327 17.32 2.30 28.98
CA ASN A 327 16.10 1.69 29.52
C ASN A 327 14.98 1.53 28.50
N ASN B 8 -22.73 -34.69 -37.30
CA ASN B 8 -22.87 -35.93 -36.48
C ASN B 8 -23.92 -35.78 -35.39
N ALA B 9 -24.11 -34.55 -34.92
CA ALA B 9 -25.10 -34.28 -33.88
C ALA B 9 -26.51 -34.49 -34.42
N ILE B 10 -27.45 -34.73 -33.52
CA ILE B 10 -28.84 -34.95 -33.89
C ILE B 10 -29.51 -33.63 -34.28
N LYS B 11 -30.33 -33.65 -35.32
CA LYS B 11 -31.02 -32.44 -35.79
C LYS B 11 -32.29 -32.11 -35.02
N TYR B 12 -32.25 -31.01 -34.28
CA TYR B 12 -33.41 -30.57 -33.51
C TYR B 12 -34.58 -30.28 -34.45
N LEU B 13 -35.73 -30.89 -34.18
CA LEU B 13 -36.94 -30.70 -34.99
C LEU B 13 -36.72 -31.17 -36.43
N GLY B 14 -35.59 -31.82 -36.69
CA GLY B 14 -35.30 -32.31 -38.03
C GLY B 14 -34.75 -31.25 -38.97
N GLN B 15 -34.50 -30.05 -38.45
CA GLN B 15 -33.95 -28.96 -39.27
C GLN B 15 -32.47 -29.23 -39.56
N ASP B 16 -32.14 -29.33 -40.85
CA ASP B 16 -30.78 -29.63 -41.28
C ASP B 16 -30.06 -28.36 -41.74
N TYR B 17 -29.10 -27.92 -40.93
CA TYR B 17 -28.33 -26.72 -41.20
C TYR B 17 -27.76 -26.63 -42.61
N GLU B 18 -26.93 -27.60 -42.98
CA GLU B 18 -26.31 -27.60 -44.30
C GLU B 18 -27.32 -27.61 -45.44
N ASN B 19 -28.36 -28.44 -45.32
CA ASN B 19 -29.36 -28.52 -46.39
C ASN B 19 -30.17 -27.23 -46.50
N LEU B 20 -30.49 -26.61 -45.36
CA LEU B 20 -31.26 -25.38 -45.36
C LEU B 20 -30.43 -24.25 -45.95
N ARG B 21 -29.17 -24.20 -45.54
CA ARG B 21 -28.25 -23.19 -46.02
C ARG B 21 -28.07 -23.27 -47.53
N ALA B 22 -27.87 -24.49 -48.03
CA ALA B 22 -27.68 -24.71 -49.46
C ALA B 22 -28.93 -24.33 -50.25
N ARG B 23 -30.10 -24.69 -49.72
CA ARG B 23 -31.35 -24.38 -50.40
C ARG B 23 -31.55 -22.86 -50.47
N CYS B 24 -31.22 -22.15 -49.40
CA CYS B 24 -31.36 -20.70 -49.40
C CYS B 24 -30.41 -20.05 -50.40
N LEU B 25 -29.14 -20.47 -50.36
CA LEU B 25 -28.15 -19.92 -51.28
C LEU B 25 -28.59 -20.18 -52.71
N GLN B 26 -29.08 -21.39 -52.94
CA GLN B 26 -29.55 -21.81 -54.25
C GLN B 26 -30.76 -21.02 -54.77
N ASN B 27 -31.64 -20.62 -53.86
CA ASN B 27 -32.85 -19.89 -54.21
C ASN B 27 -32.75 -18.38 -54.08
N GLY B 28 -31.54 -17.88 -53.83
CA GLY B 28 -31.33 -16.44 -53.71
C GLY B 28 -32.05 -15.74 -52.56
N VAL B 29 -32.29 -16.44 -51.47
CA VAL B 29 -32.97 -15.84 -50.32
C VAL B 29 -32.21 -16.11 -49.02
N LEU B 30 -32.64 -15.44 -47.96
CA LEU B 30 -32.05 -15.63 -46.64
C LEU B 30 -33.07 -16.42 -45.83
N PHE B 31 -32.56 -17.28 -44.96
CA PHE B 31 -33.36 -18.13 -44.11
C PHE B 31 -34.26 -17.36 -43.12
N GLN B 32 -35.49 -17.85 -42.95
CA GLN B 32 -36.45 -17.32 -41.98
C GLN B 32 -36.91 -18.60 -41.27
N ASP B 33 -36.68 -18.66 -39.96
CA ASP B 33 -36.97 -19.84 -39.16
C ASP B 33 -38.41 -20.08 -38.70
N ASP B 34 -39.11 -20.97 -39.42
CA ASP B 34 -40.50 -21.32 -39.09
C ASP B 34 -40.64 -21.86 -37.67
N ALA B 35 -39.58 -22.47 -37.14
CA ALA B 35 -39.63 -23.04 -35.80
C ALA B 35 -39.40 -22.04 -34.68
N PHE B 36 -38.95 -20.84 -35.04
CA PHE B 36 -38.69 -19.78 -34.06
C PHE B 36 -38.65 -18.48 -34.87
N PRO B 37 -39.79 -18.08 -35.44
CA PRO B 37 -39.95 -16.89 -36.27
C PRO B 37 -39.74 -15.54 -35.62
N PRO B 38 -39.46 -14.52 -36.44
CA PRO B 38 -39.23 -13.14 -36.00
C PRO B 38 -40.53 -12.41 -35.68
N VAL B 39 -41.22 -12.90 -34.66
CA VAL B 39 -42.49 -12.32 -34.22
C VAL B 39 -42.53 -12.26 -32.70
N SER B 40 -43.55 -11.61 -32.16
CA SER B 40 -43.69 -11.44 -30.71
C SER B 40 -43.62 -12.71 -29.85
N HIS B 41 -44.23 -13.80 -30.32
CA HIS B 41 -44.23 -15.06 -29.58
C HIS B 41 -42.83 -15.59 -29.28
N SER B 42 -41.85 -15.21 -30.09
CA SER B 42 -40.49 -15.67 -29.85
C SER B 42 -39.83 -14.79 -28.79
N LEU B 43 -40.41 -13.60 -28.58
CA LEU B 43 -39.87 -12.70 -27.56
C LEU B 43 -40.37 -13.15 -26.20
N GLY B 44 -41.69 -13.32 -26.10
CA GLY B 44 -42.28 -13.71 -24.84
C GLY B 44 -43.79 -13.75 -24.85
N PHE B 45 -44.38 -13.81 -23.65
CA PHE B 45 -45.82 -13.93 -23.47
C PHE B 45 -46.41 -13.00 -22.41
N LYS B 46 -45.57 -12.51 -21.51
CA LYS B 46 -46.02 -11.62 -20.46
C LYS B 46 -45.18 -10.36 -20.37
N GLU B 47 -44.04 -10.46 -19.68
CA GLU B 47 -43.15 -9.32 -19.52
C GLU B 47 -42.65 -8.89 -20.90
N LEU B 48 -42.49 -9.87 -21.79
CA LEU B 48 -42.03 -9.61 -23.15
C LEU B 48 -43.10 -10.02 -24.15
N GLY B 49 -44.36 -9.92 -23.72
CA GLY B 49 -45.48 -10.26 -24.59
C GLY B 49 -45.75 -9.13 -25.57
N PRO B 50 -46.62 -9.35 -26.56
CA PRO B 50 -46.94 -8.32 -27.55
C PRO B 50 -47.51 -6.99 -27.01
N ASN B 51 -48.27 -7.04 -25.92
CA ASN B 51 -48.86 -5.83 -25.36
C ASN B 51 -48.01 -5.19 -24.27
N SER B 52 -46.78 -5.68 -24.08
CA SER B 52 -45.91 -5.13 -23.06
C SER B 52 -45.16 -3.89 -23.51
N SER B 53 -45.04 -2.92 -22.61
CA SER B 53 -44.34 -1.69 -22.96
C SER B 53 -42.86 -1.97 -23.20
N LYS B 54 -42.38 -3.09 -22.66
CA LYS B 54 -40.97 -3.47 -22.81
C LYS B 54 -40.61 -3.88 -24.23
N THR B 55 -41.59 -4.38 -24.98
CA THR B 55 -41.30 -4.80 -26.35
C THR B 55 -41.65 -3.73 -27.35
N TYR B 56 -42.04 -2.56 -26.84
CA TYR B 56 -42.40 -1.46 -27.72
C TYR B 56 -41.18 -1.02 -28.52
N GLY B 57 -41.34 -0.93 -29.82
CA GLY B 57 -40.24 -0.48 -30.66
C GLY B 57 -39.24 -1.55 -31.03
N ILE B 58 -39.41 -2.77 -30.53
CA ILE B 58 -38.47 -3.82 -30.89
C ILE B 58 -38.70 -4.26 -32.33
N LYS B 59 -37.63 -4.24 -33.11
CA LYS B 59 -37.70 -4.65 -34.50
C LYS B 59 -36.69 -5.77 -34.72
N TRP B 60 -37.08 -6.77 -35.51
CA TRP B 60 -36.19 -7.89 -35.80
C TRP B 60 -35.32 -7.54 -37.00
N LYS B 61 -34.01 -7.51 -36.79
CA LYS B 61 -33.06 -7.19 -37.85
C LYS B 61 -31.86 -8.12 -37.87
N ARG B 62 -31.39 -8.44 -39.08
CA ARG B 62 -30.21 -9.28 -39.24
C ARG B 62 -28.96 -8.42 -39.08
N PRO B 63 -27.85 -9.02 -38.62
CA PRO B 63 -26.62 -8.24 -38.47
C PRO B 63 -26.22 -7.56 -39.77
N THR B 64 -26.56 -8.20 -40.90
CA THR B 64 -26.24 -7.67 -42.22
C THR B 64 -27.15 -6.50 -42.63
N GLU B 65 -28.12 -6.19 -41.78
CA GLU B 65 -29.01 -5.07 -42.03
C GLU B 65 -28.59 -3.93 -41.11
N LEU B 66 -27.93 -4.28 -40.02
CA LEU B 66 -27.46 -3.31 -39.05
C LEU B 66 -26.10 -2.73 -39.36
N LEU B 67 -25.19 -3.57 -39.86
CA LEU B 67 -23.84 -3.13 -40.14
C LEU B 67 -23.30 -3.49 -41.50
N SER B 68 -22.32 -2.74 -41.95
CA SER B 68 -21.69 -2.98 -43.23
C SER B 68 -20.80 -4.21 -43.11
N ASN B 69 -20.13 -4.36 -41.97
CA ASN B 69 -19.22 -5.48 -41.77
C ASN B 69 -19.50 -6.31 -40.51
N PRO B 70 -20.67 -6.97 -40.45
CA PRO B 70 -20.95 -7.77 -39.24
C PRO B 70 -20.03 -8.99 -39.22
N GLN B 71 -19.62 -9.41 -38.03
CA GLN B 71 -18.73 -10.55 -37.90
C GLN B 71 -19.29 -11.55 -36.88
N PHE B 72 -19.10 -12.83 -37.15
CA PHE B 72 -19.56 -13.87 -36.24
C PHE B 72 -18.66 -13.86 -35.01
N ILE B 73 -17.35 -13.98 -35.24
CA ILE B 73 -16.37 -13.97 -34.15
C ILE B 73 -15.26 -12.97 -34.42
N VAL B 74 -15.01 -12.09 -33.45
CA VAL B 74 -13.97 -11.07 -33.57
C VAL B 74 -12.98 -11.26 -32.43
N ASP B 75 -11.72 -11.45 -32.77
CA ASP B 75 -10.67 -11.64 -31.79
C ASP B 75 -11.00 -12.80 -30.86
N GLY B 76 -11.48 -13.88 -31.45
CA GLY B 76 -11.84 -15.05 -30.66
C GLY B 76 -13.13 -14.91 -29.88
N ALA B 77 -13.75 -16.05 -29.57
CA ALA B 77 -14.99 -16.05 -28.80
C ALA B 77 -14.56 -16.14 -27.34
N THR B 78 -14.53 -14.99 -26.67
CA THR B 78 -14.12 -14.92 -25.27
C THR B 78 -15.23 -14.43 -24.34
N ARG B 79 -14.97 -14.47 -23.04
CA ARG B 79 -15.97 -14.05 -22.07
C ARG B 79 -16.39 -12.59 -22.15
N THR B 80 -15.53 -11.72 -22.67
CA THR B 80 -15.88 -10.31 -22.78
C THR B 80 -16.94 -10.10 -23.87
N ASP B 81 -17.23 -11.15 -24.63
CA ASP B 81 -18.23 -11.09 -25.69
C ASP B 81 -19.62 -11.35 -25.09
N ILE B 82 -19.68 -11.51 -23.78
CA ILE B 82 -20.93 -11.80 -23.09
C ILE B 82 -21.36 -10.63 -22.20
N CYS B 83 -22.30 -9.83 -22.71
CA CYS B 83 -22.81 -8.68 -21.95
C CYS B 83 -24.33 -8.73 -21.97
N GLN B 84 -24.89 -9.07 -20.82
CA GLN B 84 -26.33 -9.21 -20.61
C GLN B 84 -27.18 -8.03 -21.08
N GLY B 85 -28.31 -8.34 -21.71
CA GLY B 85 -29.21 -7.32 -22.19
C GLY B 85 -30.38 -7.15 -21.23
N ALA B 86 -31.54 -6.79 -21.75
CA ALA B 86 -32.73 -6.60 -20.92
C ALA B 86 -33.46 -7.92 -20.69
N LEU B 87 -32.81 -8.85 -20.02
CA LEU B 87 -33.39 -10.16 -19.76
C LEU B 87 -32.70 -10.77 -18.55
N GLY B 88 -33.50 -11.34 -17.65
CA GLY B 88 -32.93 -11.94 -16.46
C GLY B 88 -32.39 -13.32 -16.72
N ASP B 89 -31.45 -13.44 -17.67
CA ASP B 89 -30.87 -14.74 -17.98
C ASP B 89 -29.38 -14.80 -17.64
N SER B 90 -29.01 -14.19 -16.52
CA SER B 90 -27.60 -14.17 -16.09
C SER B 90 -27.07 -15.58 -15.84
N TRP B 91 -27.95 -16.50 -15.45
CA TRP B 91 -27.53 -17.87 -15.21
C TRP B 91 -26.98 -18.49 -16.48
N LEU B 92 -27.66 -18.24 -17.60
CA LEU B 92 -27.25 -18.76 -18.89
C LEU B 92 -25.99 -18.06 -19.40
N LEU B 93 -25.96 -16.74 -19.24
CA LEU B 93 -24.84 -15.93 -19.70
C LEU B 93 -23.55 -16.23 -18.92
N ALA B 94 -23.65 -16.46 -17.62
CA ALA B 94 -22.47 -16.78 -16.84
C ALA B 94 -21.90 -18.12 -17.33
N ALA B 95 -22.79 -19.01 -17.78
CA ALA B 95 -22.39 -20.33 -18.28
C ALA B 95 -21.68 -20.23 -19.63
N ILE B 96 -22.20 -19.40 -20.52
CA ILE B 96 -21.59 -19.20 -21.83
C ILE B 96 -20.20 -18.59 -21.65
N ALA B 97 -20.09 -17.62 -20.75
CA ALA B 97 -18.81 -16.98 -20.48
C ALA B 97 -17.79 -18.00 -19.95
N SER B 98 -18.21 -18.82 -18.99
CA SER B 98 -17.30 -19.83 -18.43
C SER B 98 -16.92 -20.81 -19.53
N LEU B 99 -17.88 -21.09 -20.40
CA LEU B 99 -17.70 -22.00 -21.51
C LEU B 99 -16.52 -21.58 -22.42
N THR B 100 -16.35 -20.27 -22.63
CA THR B 100 -15.29 -19.78 -23.48
C THR B 100 -13.89 -20.01 -22.92
N LEU B 101 -13.80 -20.48 -21.67
CA LEU B 101 -12.50 -20.75 -21.05
C LEU B 101 -11.97 -22.12 -21.43
N ASN B 102 -12.81 -22.92 -22.09
CA ASN B 102 -12.43 -24.27 -22.50
C ASN B 102 -12.69 -24.44 -23.99
N GLU B 103 -11.64 -24.29 -24.80
CA GLU B 103 -11.74 -24.41 -26.25
C GLU B 103 -12.45 -25.68 -26.70
N THR B 104 -12.18 -26.78 -26.01
CA THR B 104 -12.78 -28.06 -26.36
C THR B 104 -14.30 -28.04 -26.29
N ILE B 105 -14.85 -27.53 -25.19
CA ILE B 105 -16.31 -27.50 -25.07
C ILE B 105 -16.89 -26.36 -25.91
N LEU B 106 -16.16 -25.25 -25.99
CA LEU B 106 -16.61 -24.12 -26.79
C LEU B 106 -16.78 -24.54 -28.24
N HIS B 107 -15.80 -25.29 -28.75
CA HIS B 107 -15.84 -25.75 -30.13
C HIS B 107 -17.04 -26.63 -30.43
N ARG B 108 -17.46 -27.42 -29.45
CA ARG B 108 -18.61 -28.29 -29.64
C ARG B 108 -19.91 -27.48 -29.71
N VAL B 109 -20.05 -26.51 -28.82
CA VAL B 109 -21.24 -25.67 -28.78
C VAL B 109 -21.32 -24.71 -29.98
N VAL B 110 -20.19 -24.14 -30.38
CA VAL B 110 -20.17 -23.20 -31.50
C VAL B 110 -19.40 -23.75 -32.71
N PRO B 111 -20.10 -24.40 -33.66
CA PRO B 111 -19.46 -24.95 -34.85
C PRO B 111 -18.58 -23.93 -35.57
N TYR B 112 -17.51 -24.41 -36.20
CA TYR B 112 -16.57 -23.56 -36.92
C TYR B 112 -17.05 -23.23 -38.33
N GLY B 113 -16.51 -22.17 -38.91
CA GLY B 113 -16.84 -21.80 -40.28
C GLY B 113 -18.09 -20.99 -40.55
N GLN B 114 -18.67 -20.37 -39.53
CA GLN B 114 -19.87 -19.57 -39.75
C GLN B 114 -19.47 -18.12 -39.93
N SER B 115 -20.05 -17.47 -40.94
CA SER B 115 -19.72 -16.06 -41.16
C SER B 115 -20.81 -15.35 -41.93
N PHE B 116 -20.66 -14.03 -42.02
CA PHE B 116 -21.63 -13.20 -42.73
C PHE B 116 -21.14 -12.90 -44.14
N GLN B 117 -20.02 -13.52 -44.53
CA GLN B 117 -19.44 -13.32 -45.85
C GLN B 117 -19.73 -14.52 -46.74
N GLU B 118 -18.68 -15.24 -47.15
CA GLU B 118 -18.85 -16.41 -48.02
C GLU B 118 -19.78 -17.47 -47.45
N GLY B 119 -20.71 -17.94 -48.27
CA GLY B 119 -21.64 -18.97 -47.85
C GLY B 119 -22.73 -18.52 -46.88
N TYR B 120 -22.87 -17.22 -46.71
CA TYR B 120 -23.88 -16.67 -45.81
C TYR B 120 -25.27 -16.75 -46.40
N ALA B 121 -26.22 -17.25 -45.61
CA ALA B 121 -27.59 -17.35 -46.08
C ALA B 121 -28.53 -17.03 -44.93
N GLY B 122 -28.04 -16.23 -44.00
CA GLY B 122 -28.84 -15.83 -42.84
C GLY B 122 -29.24 -16.96 -41.92
N ILE B 123 -28.42 -18.01 -41.85
CA ILE B 123 -28.72 -19.14 -40.98
C ILE B 123 -27.45 -19.55 -40.24
N PHE B 124 -27.58 -19.80 -38.94
CA PHE B 124 -26.46 -20.22 -38.11
C PHE B 124 -26.88 -21.43 -37.28
N HIS B 125 -25.94 -22.05 -36.57
CA HIS B 125 -26.30 -23.20 -35.75
C HIS B 125 -25.37 -23.40 -34.59
N PHE B 126 -25.88 -24.08 -33.56
CA PHE B 126 -25.15 -24.36 -32.35
C PHE B 126 -25.52 -25.74 -31.85
N GLN B 127 -24.71 -26.31 -30.96
CA GLN B 127 -25.01 -27.61 -30.42
C GLN B 127 -25.20 -27.55 -28.93
N LEU B 128 -26.23 -28.24 -28.45
CA LEU B 128 -26.55 -28.26 -27.03
C LEU B 128 -26.83 -29.68 -26.55
N TRP B 129 -26.65 -29.89 -25.26
CA TRP B 129 -26.94 -31.20 -24.66
C TRP B 129 -28.40 -31.03 -24.28
N GLN B 130 -29.28 -31.63 -25.05
CA GLN B 130 -30.72 -31.54 -24.81
C GLN B 130 -31.40 -32.87 -25.03
N PHE B 131 -32.50 -33.09 -24.31
CA PHE B 131 -33.28 -34.32 -24.43
C PHE B 131 -32.41 -35.55 -24.30
N GLY B 132 -31.32 -35.43 -23.55
CA GLY B 132 -30.44 -36.55 -23.33
C GLY B 132 -29.43 -36.83 -24.44
N GLU B 133 -29.01 -35.79 -25.15
CA GLU B 133 -28.03 -35.95 -26.22
C GLU B 133 -27.63 -34.64 -26.86
N TRP B 134 -26.66 -34.71 -27.77
CA TRP B 134 -26.19 -33.52 -28.45
C TRP B 134 -27.04 -33.27 -29.69
N VAL B 135 -27.69 -32.10 -29.71
CA VAL B 135 -28.54 -31.73 -30.82
C VAL B 135 -28.06 -30.46 -31.50
N ASP B 136 -28.21 -30.41 -32.82
CA ASP B 136 -27.82 -29.25 -33.58
C ASP B 136 -29.04 -28.37 -33.71
N VAL B 137 -28.92 -27.13 -33.28
CA VAL B 137 -30.02 -26.17 -33.32
C VAL B 137 -29.72 -25.05 -34.30
N VAL B 138 -30.62 -24.78 -35.24
CA VAL B 138 -30.39 -23.70 -36.19
C VAL B 138 -31.25 -22.50 -35.78
N VAL B 139 -30.88 -21.32 -36.27
CA VAL B 139 -31.63 -20.09 -36.04
C VAL B 139 -31.36 -19.21 -37.25
N ASP B 140 -32.29 -18.33 -37.59
CA ASP B 140 -32.02 -17.41 -38.69
C ASP B 140 -31.34 -16.28 -37.92
N ASP B 141 -30.74 -15.32 -38.61
CA ASP B 141 -30.04 -14.28 -37.86
C ASP B 141 -30.82 -13.00 -37.55
N LEU B 142 -32.14 -13.06 -37.68
CA LEU B 142 -32.95 -11.90 -37.32
C LEU B 142 -32.87 -11.84 -35.81
N LEU B 143 -32.46 -10.68 -35.29
CA LEU B 143 -32.31 -10.51 -33.85
C LEU B 143 -33.13 -9.33 -33.33
N PRO B 144 -33.63 -9.44 -32.10
CA PRO B 144 -34.42 -8.34 -31.53
C PRO B 144 -33.54 -7.09 -31.35
N THR B 145 -33.99 -5.97 -31.90
CA THR B 145 -33.23 -4.73 -31.78
C THR B 145 -34.16 -3.56 -31.46
N LYS B 146 -33.60 -2.53 -30.83
CA LYS B 146 -34.33 -1.32 -30.50
C LYS B 146 -33.42 -0.17 -30.94
N ASP B 147 -33.89 0.61 -31.90
CA ASP B 147 -33.10 1.74 -32.41
C ASP B 147 -31.74 1.27 -32.92
N GLY B 148 -31.75 0.14 -33.62
CA GLY B 148 -30.52 -0.41 -34.18
C GLY B 148 -29.59 -1.11 -33.21
N LYS B 149 -29.98 -1.20 -31.95
CA LYS B 149 -29.13 -1.85 -30.94
C LYS B 149 -29.74 -3.18 -30.48
N LEU B 150 -28.89 -4.14 -30.12
CA LEU B 150 -29.39 -5.43 -29.64
C LEU B 150 -30.04 -5.24 -28.27
N VAL B 151 -31.21 -5.84 -28.10
CA VAL B 151 -31.95 -5.74 -26.85
C VAL B 151 -31.43 -6.73 -25.81
N PHE B 152 -31.06 -7.91 -26.26
CA PHE B 152 -30.57 -8.93 -25.34
C PHE B 152 -29.04 -9.03 -25.31
N VAL B 153 -28.48 -10.21 -25.18
CA VAL B 153 -27.02 -10.29 -25.08
C VAL B 153 -26.29 -9.66 -26.26
N HIS B 154 -25.14 -9.06 -25.96
CA HIS B 154 -24.32 -8.42 -26.98
C HIS B 154 -22.86 -8.48 -26.53
N SER B 155 -21.95 -8.38 -27.50
CA SER B 155 -20.52 -8.43 -27.20
C SER B 155 -19.97 -7.03 -26.94
N ALA B 156 -18.84 -6.97 -26.22
CA ALA B 156 -18.21 -5.69 -25.96
C ALA B 156 -17.81 -5.12 -27.32
N GLN B 157 -17.65 -6.01 -28.29
CA GLN B 157 -17.31 -5.61 -29.66
C GLN B 157 -18.62 -5.49 -30.42
N GLY B 158 -19.00 -4.24 -30.71
CA GLY B 158 -20.25 -3.97 -31.40
C GLY B 158 -20.56 -4.67 -32.71
N ASN B 159 -19.55 -5.20 -33.38
CA ASN B 159 -19.81 -5.87 -34.65
C ASN B 159 -19.71 -7.39 -34.56
N GLU B 160 -19.70 -7.92 -33.35
CA GLU B 160 -19.59 -9.37 -33.14
C GLU B 160 -20.93 -9.97 -32.71
N PHE B 161 -21.37 -11.02 -33.40
CA PHE B 161 -22.66 -11.63 -33.13
C PHE B 161 -22.80 -13.08 -32.67
N TRP B 162 -21.70 -13.81 -32.49
CA TRP B 162 -21.85 -15.22 -32.09
C TRP B 162 -22.60 -15.43 -30.78
N SER B 163 -22.35 -14.60 -29.78
CA SER B 163 -23.04 -14.78 -28.50
C SER B 163 -24.52 -14.41 -28.59
N ALA B 164 -24.83 -13.39 -29.40
CA ALA B 164 -26.22 -12.98 -29.59
C ALA B 164 -26.98 -14.14 -30.27
N LEU B 165 -26.35 -14.77 -31.25
CA LEU B 165 -26.98 -15.87 -31.95
C LEU B 165 -27.10 -17.15 -31.11
N LEU B 166 -26.11 -17.42 -30.27
CA LEU B 166 -26.14 -18.60 -29.39
C LEU B 166 -27.28 -18.45 -28.39
N GLU B 167 -27.42 -17.25 -27.80
CA GLU B 167 -28.47 -17.00 -26.83
C GLU B 167 -29.83 -17.17 -27.50
N LYS B 168 -29.92 -16.75 -28.77
CA LYS B 168 -31.18 -16.88 -29.50
C LYS B 168 -31.51 -18.37 -29.66
N ALA B 169 -30.48 -19.17 -29.95
CA ALA B 169 -30.65 -20.61 -30.12
C ALA B 169 -31.12 -21.25 -28.83
N TYR B 170 -30.64 -20.74 -27.70
CA TYR B 170 -31.02 -21.27 -26.41
C TYR B 170 -32.47 -20.85 -26.10
N ALA B 171 -32.84 -19.65 -26.50
CA ALA B 171 -34.21 -19.15 -26.28
C ALA B 171 -35.15 -20.04 -27.10
N LYS B 172 -34.70 -20.38 -28.31
CA LYS B 172 -35.47 -21.21 -29.22
C LYS B 172 -35.86 -22.59 -28.66
N VAL B 173 -34.90 -23.32 -28.09
CA VAL B 173 -35.25 -24.64 -27.57
C VAL B 173 -36.11 -24.54 -26.31
N ASN B 174 -36.15 -23.36 -25.71
CA ASN B 174 -36.95 -23.16 -24.50
C ASN B 174 -38.27 -22.46 -24.76
N GLY B 175 -38.54 -22.11 -26.03
CA GLY B 175 -39.79 -21.47 -26.36
C GLY B 175 -39.78 -19.98 -26.65
N SER B 176 -38.95 -19.22 -25.93
CA SER B 176 -38.88 -17.79 -26.14
C SER B 176 -37.81 -17.20 -25.24
N TYR B 177 -37.46 -15.94 -25.46
CA TYR B 177 -36.47 -15.27 -24.63
C TYR B 177 -37.00 -15.18 -23.20
N GLU B 178 -38.27 -14.78 -23.06
CA GLU B 178 -38.83 -14.63 -21.73
C GLU B 178 -38.79 -15.95 -20.94
N ALA B 179 -38.81 -17.07 -21.63
CA ALA B 179 -38.73 -18.36 -20.94
C ALA B 179 -37.39 -18.49 -20.21
N LEU B 180 -36.42 -17.67 -20.61
CA LEU B 180 -35.09 -17.69 -20.00
C LEU B 180 -34.97 -16.82 -18.76
N SER B 181 -35.99 -16.00 -18.50
CA SER B 181 -35.98 -15.10 -17.33
C SER B 181 -36.00 -15.89 -16.03
N GLY B 182 -34.86 -15.95 -15.36
CA GLY B 182 -34.75 -16.70 -14.11
C GLY B 182 -34.29 -18.13 -14.39
N GLY B 183 -33.37 -18.62 -13.57
CA GLY B 183 -32.87 -19.96 -13.77
C GLY B 183 -31.63 -20.27 -12.96
N CYS B 184 -31.15 -21.51 -13.09
CA CYS B 184 -29.98 -21.98 -12.36
C CYS B 184 -28.84 -22.16 -13.34
N THR B 185 -27.67 -21.62 -13.00
CA THR B 185 -26.50 -21.71 -13.87
C THR B 185 -26.14 -23.17 -14.21
N SER B 186 -26.30 -24.05 -13.24
CA SER B 186 -26.00 -25.47 -13.44
C SER B 186 -26.79 -26.09 -14.58
N GLU B 187 -28.00 -25.59 -14.79
CA GLU B 187 -28.85 -26.10 -15.87
C GLU B 187 -28.20 -25.79 -17.22
N ALA B 188 -27.69 -24.56 -17.35
CA ALA B 188 -27.03 -24.16 -18.59
C ALA B 188 -25.71 -24.91 -18.71
N PHE B 189 -24.99 -25.06 -17.60
CA PHE B 189 -23.73 -25.78 -17.62
C PHE B 189 -23.95 -27.15 -18.27
N GLU B 190 -24.88 -27.92 -17.71
CA GLU B 190 -25.16 -29.24 -18.24
C GLU B 190 -25.69 -29.19 -19.66
N ASP B 191 -26.45 -28.15 -20.00
CA ASP B 191 -26.96 -28.04 -21.36
C ASP B 191 -25.81 -27.77 -22.34
N PHE B 192 -24.66 -27.39 -21.80
CA PHE B 192 -23.49 -27.10 -22.63
C PHE B 192 -22.40 -28.16 -22.52
N THR B 193 -22.58 -29.14 -21.63
CA THR B 193 -21.56 -30.18 -21.44
C THR B 193 -22.07 -31.61 -21.28
N GLY B 194 -23.28 -31.76 -20.74
CA GLY B 194 -23.78 -33.09 -20.50
C GLY B 194 -23.00 -33.68 -19.35
N GLY B 195 -22.35 -32.80 -18.59
CA GLY B 195 -21.53 -33.22 -17.47
C GLY B 195 -22.31 -33.32 -16.16
N VAL B 196 -21.58 -33.54 -15.07
CA VAL B 196 -22.20 -33.67 -13.76
C VAL B 196 -21.97 -32.38 -12.98
N THR B 197 -23.03 -31.86 -12.38
CA THR B 197 -22.94 -30.64 -11.61
C THR B 197 -23.03 -30.91 -10.13
N GLU B 198 -22.31 -30.12 -9.35
CA GLU B 198 -22.31 -30.24 -7.90
C GLU B 198 -22.32 -28.83 -7.32
N TRP B 199 -23.02 -28.65 -6.21
CA TRP B 199 -23.11 -27.34 -5.57
C TRP B 199 -22.42 -27.33 -4.21
N TYR B 200 -22.16 -26.12 -3.72
CA TYR B 200 -21.49 -25.93 -2.44
C TYR B 200 -22.11 -24.79 -1.64
N ASP B 201 -22.53 -25.11 -0.42
CA ASP B 201 -23.10 -24.11 0.47
C ASP B 201 -21.91 -23.40 1.09
N LEU B 202 -21.57 -22.23 0.55
CA LEU B 202 -20.41 -21.48 1.02
C LEU B 202 -20.40 -21.15 2.51
N GLN B 203 -21.56 -21.23 3.16
CA GLN B 203 -21.64 -20.96 4.60
C GLN B 203 -21.21 -22.18 5.40
N LYS B 204 -20.96 -23.27 4.68
CA LYS B 204 -20.51 -24.53 5.27
C LYS B 204 -19.55 -25.13 4.28
N ALA B 205 -18.65 -24.29 3.77
CA ALA B 205 -17.66 -24.72 2.79
C ALA B 205 -16.60 -25.64 3.38
N PRO B 206 -16.17 -26.64 2.60
CA PRO B 206 -15.14 -27.58 3.03
C PRO B 206 -13.82 -26.86 3.20
N SER B 207 -12.98 -27.35 4.11
CA SER B 207 -11.68 -26.73 4.35
C SER B 207 -10.77 -26.88 3.14
N ASP B 208 -11.15 -27.76 2.21
CA ASP B 208 -10.38 -27.99 1.01
C ASP B 208 -11.15 -27.53 -0.23
N LEU B 209 -12.09 -26.61 -0.03
CA LEU B 209 -12.89 -26.10 -1.13
C LEU B 209 -12.01 -25.38 -2.16
N TYR B 210 -11.10 -24.53 -1.69
CA TYR B 210 -10.22 -23.80 -2.60
C TYR B 210 -9.44 -24.72 -3.52
N GLN B 211 -9.03 -25.87 -3.00
CA GLN B 211 -8.28 -26.84 -3.80
C GLN B 211 -9.24 -27.49 -4.80
N ILE B 212 -10.49 -27.63 -4.38
CA ILE B 212 -11.52 -28.21 -5.25
C ILE B 212 -11.72 -27.29 -6.44
N ILE B 213 -11.71 -25.98 -6.17
CA ILE B 213 -11.88 -25.00 -7.23
C ILE B 213 -10.68 -25.03 -8.19
N LEU B 214 -9.48 -25.02 -7.64
CA LEU B 214 -8.26 -25.06 -8.45
C LEU B 214 -8.24 -26.25 -9.40
N LYS B 215 -8.57 -27.43 -8.89
CA LYS B 215 -8.58 -28.64 -9.69
C LYS B 215 -9.63 -28.52 -10.79
N ALA B 216 -10.80 -28.02 -10.44
CA ALA B 216 -11.89 -27.85 -11.41
C ALA B 216 -11.46 -26.89 -12.51
N LEU B 217 -10.98 -25.73 -12.11
CA LEU B 217 -10.52 -24.71 -13.07
C LEU B 217 -9.44 -25.25 -14.00
N GLU B 218 -8.54 -26.07 -13.45
CA GLU B 218 -7.45 -26.64 -14.24
C GLU B 218 -7.94 -27.70 -15.21
N ARG B 219 -8.98 -28.44 -14.83
CA ARG B 219 -9.52 -29.48 -15.70
C ARG B 219 -10.44 -28.90 -16.75
N GLY B 220 -10.73 -27.61 -16.64
CA GLY B 220 -11.62 -26.97 -17.61
C GLY B 220 -13.08 -27.05 -17.25
N SER B 221 -13.39 -27.36 -15.99
CA SER B 221 -14.77 -27.44 -15.55
C SER B 221 -15.38 -26.05 -15.59
N LEU B 222 -16.69 -25.95 -15.52
CA LEU B 222 -17.36 -24.66 -15.53
C LEU B 222 -17.76 -24.34 -14.10
N LEU B 223 -17.46 -23.13 -13.65
CA LEU B 223 -17.82 -22.72 -12.31
C LEU B 223 -18.60 -21.41 -12.29
N GLY B 224 -19.56 -21.32 -11.38
CA GLY B 224 -20.37 -20.13 -11.26
C GLY B 224 -20.72 -19.94 -9.80
N CYS B 225 -21.00 -18.70 -9.42
CA CYS B 225 -21.35 -18.42 -8.03
C CYS B 225 -22.42 -17.35 -7.96
N SER B 226 -23.05 -17.24 -6.79
CA SER B 226 -24.10 -16.26 -6.60
C SER B 226 -24.43 -16.03 -5.14
N ILE B 227 -25.15 -14.94 -4.89
CA ILE B 227 -25.58 -14.56 -3.55
C ILE B 227 -27.08 -14.83 -3.49
N ASN B 228 -27.47 -15.88 -2.78
CA ASN B 228 -28.89 -16.21 -2.67
C ASN B 228 -29.60 -15.04 -1.99
N ILE B 229 -30.61 -14.51 -2.67
CA ILE B 229 -31.39 -13.37 -2.18
C ILE B 229 -32.05 -13.57 -0.83
N SER B 230 -32.53 -12.47 -0.26
CA SER B 230 -33.22 -12.48 1.02
C SER B 230 -34.71 -12.69 0.76
N ASP B 231 -35.16 -12.23 -0.39
CA ASP B 231 -36.56 -12.37 -0.81
C ASP B 231 -36.71 -11.94 -2.27
N ILE B 232 -37.68 -12.52 -2.95
CA ILE B 232 -37.94 -12.23 -4.36
C ILE B 232 -37.80 -10.76 -4.74
N ARG B 233 -38.29 -9.87 -3.88
CA ARG B 233 -38.22 -8.44 -4.14
C ARG B 233 -36.84 -7.83 -3.98
N ASP B 234 -35.86 -8.67 -3.62
CA ASP B 234 -34.49 -8.20 -3.45
C ASP B 234 -33.62 -8.68 -4.61
N LEU B 235 -34.28 -9.10 -5.70
CA LEU B 235 -33.60 -9.59 -6.89
C LEU B 235 -32.72 -8.50 -7.51
N GLU B 236 -31.51 -8.87 -7.85
CA GLU B 236 -30.53 -7.96 -8.45
C GLU B 236 -30.22 -6.71 -7.63
N ALA B 237 -30.42 -6.80 -6.31
CA ALA B 237 -30.11 -5.66 -5.44
C ALA B 237 -28.58 -5.60 -5.32
N ILE B 238 -28.04 -4.41 -5.12
CA ILE B 238 -26.60 -4.26 -5.02
C ILE B 238 -26.10 -4.00 -3.60
N THR B 239 -25.10 -4.77 -3.17
CA THR B 239 -24.54 -4.63 -1.83
C THR B 239 -23.74 -3.33 -1.74
N PHE B 240 -23.32 -2.97 -0.54
CA PHE B 240 -22.57 -1.75 -0.35
C PHE B 240 -21.20 -1.86 -1.00
N LYS B 241 -20.68 -3.08 -1.11
CA LYS B 241 -19.38 -3.28 -1.73
C LYS B 241 -19.52 -3.52 -3.24
N ASN B 242 -20.71 -3.22 -3.75
CA ASN B 242 -21.04 -3.33 -5.16
C ASN B 242 -21.21 -4.72 -5.79
N LEU B 243 -21.74 -5.66 -5.03
CA LEU B 243 -21.99 -7.00 -5.56
C LEU B 243 -23.48 -7.06 -5.88
N VAL B 244 -23.88 -7.91 -6.82
CA VAL B 244 -25.28 -8.03 -7.20
C VAL B 244 -25.87 -9.33 -6.66
N ARG B 245 -26.92 -9.22 -5.84
CA ARG B 245 -27.57 -10.38 -5.23
C ARG B 245 -28.53 -11.09 -6.18
N GLY B 246 -28.69 -12.40 -6.00
CA GLY B 246 -29.58 -13.17 -6.87
C GLY B 246 -29.15 -13.03 -8.32
N HIS B 247 -27.84 -13.00 -8.54
CA HIS B 247 -27.26 -12.80 -9.87
C HIS B 247 -26.08 -13.75 -10.07
N ALA B 248 -26.11 -14.52 -11.15
CA ALA B 248 -25.03 -15.46 -11.41
C ALA B 248 -23.75 -14.80 -11.91
N TYR B 249 -22.62 -15.18 -11.31
CA TYR B 249 -21.31 -14.68 -11.73
C TYR B 249 -20.56 -15.89 -12.26
N SER B 250 -19.62 -15.67 -13.18
CA SER B 250 -18.81 -16.76 -13.70
C SER B 250 -17.53 -16.74 -12.87
N VAL B 251 -17.06 -17.92 -12.45
CA VAL B 251 -15.80 -18.02 -11.72
C VAL B 251 -14.78 -18.26 -12.82
N THR B 252 -13.90 -17.29 -13.05
CA THR B 252 -12.93 -17.38 -14.13
C THR B 252 -11.48 -17.70 -13.81
N ASP B 253 -11.13 -17.77 -12.54
CA ASP B 253 -9.75 -18.11 -12.16
C ASP B 253 -9.62 -18.21 -10.65
N ALA B 254 -8.46 -18.68 -10.21
CA ALA B 254 -8.14 -18.83 -8.80
C ALA B 254 -6.63 -18.91 -8.72
N LYS B 255 -6.02 -17.92 -8.06
CA LYS B 255 -4.57 -17.87 -7.92
C LYS B 255 -4.11 -17.45 -6.54
N GLN B 256 -2.93 -17.89 -6.16
CA GLN B 256 -2.33 -17.59 -4.86
C GLN B 256 -1.25 -16.52 -5.01
N VAL B 257 -1.29 -15.52 -4.15
CA VAL B 257 -0.32 -14.45 -4.18
C VAL B 257 0.38 -14.34 -2.83
N THR B 258 1.45 -13.55 -2.78
CA THR B 258 2.18 -13.33 -1.54
C THR B 258 1.96 -11.90 -1.12
N TYR B 259 1.09 -11.73 -0.13
CA TYR B 259 0.73 -10.41 0.39
C TYR B 259 1.39 -10.13 1.73
N GLN B 260 2.33 -9.18 1.72
CA GLN B 260 3.05 -8.77 2.92
C GLN B 260 3.42 -9.97 3.77
N GLY B 261 3.78 -11.08 3.13
CA GLY B 261 4.15 -12.29 3.86
C GLY B 261 3.02 -13.30 3.87
N GLN B 262 3.37 -14.57 3.68
CA GLN B 262 2.40 -15.66 3.67
C GLN B 262 1.44 -15.58 2.48
N ARG B 263 1.02 -16.74 1.98
CA ARG B 263 0.12 -16.80 0.84
C ARG B 263 -1.30 -16.34 1.13
N VAL B 264 -1.95 -15.84 0.10
CA VAL B 264 -3.33 -15.38 0.17
C VAL B 264 -4.05 -16.00 -1.02
N ASN B 265 -5.12 -16.74 -0.74
CA ASN B 265 -5.88 -17.37 -1.81
C ASN B 265 -6.82 -16.34 -2.44
N LEU B 266 -6.71 -16.16 -3.76
CA LEU B 266 -7.57 -15.23 -4.47
C LEU B 266 -8.43 -15.98 -5.47
N ILE B 267 -9.57 -15.39 -5.82
CA ILE B 267 -10.47 -15.99 -6.77
C ILE B 267 -11.01 -14.88 -7.67
N ARG B 268 -11.06 -15.14 -8.97
CA ARG B 268 -11.53 -14.15 -9.93
C ARG B 268 -12.89 -14.56 -10.52
N MET B 269 -13.78 -13.58 -10.69
CA MET B 269 -15.10 -13.84 -11.24
C MET B 269 -15.55 -12.72 -12.16
N ARG B 270 -16.51 -13.00 -13.02
CA ARG B 270 -17.01 -12.01 -13.96
C ARG B 270 -18.52 -11.86 -13.95
N ASN B 271 -18.97 -10.62 -13.80
CA ASN B 271 -20.38 -10.27 -13.80
C ASN B 271 -20.79 -10.25 -15.27
N PRO B 272 -21.73 -11.13 -15.67
CA PRO B 272 -22.16 -11.19 -17.07
C PRO B 272 -22.74 -9.87 -17.61
N TRP B 273 -22.92 -8.88 -16.74
CA TRP B 273 -23.40 -7.57 -17.18
C TRP B 273 -22.26 -6.93 -17.97
N GLY B 274 -21.03 -7.37 -17.66
CA GLY B 274 -19.87 -6.82 -18.34
C GLY B 274 -19.44 -5.53 -17.65
N GLU B 275 -20.02 -5.28 -16.48
CA GLU B 275 -19.71 -4.08 -15.69
C GLU B 275 -20.26 -4.26 -14.28
N VAL B 276 -20.00 -3.29 -13.40
CA VAL B 276 -20.44 -3.32 -12.01
C VAL B 276 -19.64 -4.38 -11.28
N GLU B 277 -18.56 -3.94 -10.65
CA GLU B 277 -17.66 -4.82 -9.95
C GLU B 277 -17.49 -4.58 -8.46
N TRP B 278 -17.04 -5.63 -7.78
CA TRP B 278 -16.74 -5.61 -6.35
C TRP B 278 -15.77 -4.45 -6.14
N LYS B 279 -15.89 -3.75 -5.01
CA LYS B 279 -15.02 -2.63 -4.73
C LYS B 279 -14.27 -2.76 -3.41
N GLY B 280 -14.24 -3.98 -2.88
CA GLY B 280 -13.55 -4.21 -1.63
C GLY B 280 -12.12 -4.65 -1.84
N PRO B 281 -11.50 -5.30 -0.85
CA PRO B 281 -10.11 -5.75 -0.99
C PRO B 281 -9.87 -6.50 -2.31
N TRP B 282 -8.78 -6.16 -2.97
CA TRP B 282 -8.36 -6.80 -4.22
C TRP B 282 -9.13 -6.37 -5.47
N SER B 283 -10.04 -5.42 -5.31
CA SER B 283 -10.79 -4.92 -6.47
C SER B 283 -9.75 -4.30 -7.39
N ASP B 284 -10.08 -4.16 -8.67
CA ASP B 284 -9.14 -3.59 -9.64
C ASP B 284 -8.20 -2.51 -9.14
N ASN B 285 -8.75 -1.47 -8.52
CA ASN B 285 -7.95 -0.37 -8.02
C ASN B 285 -7.74 -0.39 -6.52
N SER B 286 -7.84 -1.58 -5.92
CA SER B 286 -7.67 -1.71 -4.48
C SER B 286 -6.20 -1.58 -4.08
N TYR B 287 -5.98 -1.17 -2.84
CA TYR B 287 -4.62 -0.97 -2.34
C TYR B 287 -3.80 -2.23 -2.12
N GLU B 288 -4.45 -3.35 -1.85
CA GLU B 288 -3.73 -4.60 -1.61
C GLU B 288 -2.75 -4.97 -2.73
N TRP B 289 -3.03 -4.56 -3.95
CA TRP B 289 -2.15 -4.89 -5.07
C TRP B 289 -0.76 -4.28 -4.95
N ASN B 290 -0.58 -3.39 -3.99
CA ASN B 290 0.72 -2.76 -3.79
C ASN B 290 1.59 -3.60 -2.87
N LYS B 291 1.00 -4.58 -2.19
CA LYS B 291 1.74 -5.43 -1.26
C LYS B 291 2.11 -6.78 -1.87
N VAL B 292 1.96 -6.92 -3.17
CA VAL B 292 2.31 -8.18 -3.82
C VAL B 292 3.47 -7.90 -4.77
N ASP B 293 4.30 -8.91 -5.04
CA ASP B 293 5.43 -8.71 -5.93
C ASP B 293 4.89 -8.31 -7.30
N PRO B 294 5.55 -7.35 -7.97
CA PRO B 294 5.18 -6.83 -9.29
C PRO B 294 4.73 -7.88 -10.30
N TYR B 295 5.35 -9.06 -10.27
CA TYR B 295 5.01 -10.12 -11.20
C TYR B 295 3.56 -10.59 -11.03
N GLU B 296 3.23 -11.06 -9.83
CA GLU B 296 1.88 -11.55 -9.56
C GLU B 296 0.88 -10.44 -9.82
N ARG B 297 1.28 -9.21 -9.52
CA ARG B 297 0.43 -8.05 -9.72
C ARG B 297 0.12 -7.82 -11.19
N GLU B 298 1.13 -7.98 -12.04
CA GLU B 298 0.96 -7.78 -13.47
C GLU B 298 0.33 -8.99 -14.15
N GLN B 299 0.56 -10.16 -13.57
CA GLN B 299 0.02 -11.39 -14.14
C GLN B 299 -1.46 -11.55 -13.81
N LEU B 300 -1.91 -10.91 -12.72
CA LEU B 300 -3.30 -11.05 -12.28
C LEU B 300 -4.25 -9.86 -12.41
N ARG B 301 -3.88 -8.70 -11.88
CA ARG B 301 -4.79 -7.57 -11.93
C ARG B 301 -4.80 -6.74 -13.19
N VAL B 302 -6.01 -6.41 -13.64
CA VAL B 302 -6.24 -5.64 -14.84
C VAL B 302 -7.20 -4.50 -14.52
N LYS B 303 -6.71 -3.27 -14.66
CA LYS B 303 -7.55 -2.11 -14.37
C LYS B 303 -8.51 -1.89 -15.53
N MET B 304 -9.77 -2.28 -15.33
CA MET B 304 -10.77 -2.11 -16.38
C MET B 304 -12.18 -2.46 -15.93
N GLU B 305 -13.13 -1.62 -16.32
CA GLU B 305 -14.53 -1.83 -16.00
C GLU B 305 -15.05 -2.84 -17.01
N ASP B 306 -14.84 -4.11 -16.70
CA ASP B 306 -15.25 -5.19 -17.59
C ASP B 306 -16.12 -6.23 -16.88
N GLY B 307 -16.45 -5.97 -15.62
CA GLY B 307 -17.26 -6.91 -14.87
C GLY B 307 -16.45 -8.02 -14.22
N GLU B 308 -15.17 -8.12 -14.56
CA GLU B 308 -14.32 -9.15 -13.99
C GLU B 308 -13.42 -8.56 -12.90
N PHE B 309 -13.28 -9.28 -11.79
CA PHE B 309 -12.48 -8.80 -10.66
C PHE B 309 -12.04 -9.92 -9.73
N TRP B 310 -11.16 -9.58 -8.79
CA TRP B 310 -10.65 -10.54 -7.82
C TRP B 310 -11.14 -10.26 -6.41
N MET B 311 -11.23 -11.32 -5.61
CA MET B 311 -11.65 -11.23 -4.22
C MET B 311 -10.82 -12.26 -3.48
N SER B 312 -10.52 -12.01 -2.21
CA SER B 312 -9.76 -12.97 -1.42
C SER B 312 -10.75 -14.12 -1.27
N PHE B 313 -10.25 -15.34 -1.13
CA PHE B 313 -11.14 -16.48 -0.96
C PHE B 313 -11.95 -16.28 0.31
N ARG B 314 -11.32 -15.73 1.34
CA ARG B 314 -12.00 -15.50 2.60
C ARG B 314 -13.24 -14.63 2.39
N ASP B 315 -13.06 -13.49 1.72
CA ASP B 315 -14.17 -12.58 1.46
C ASP B 315 -15.23 -13.25 0.59
N PHE B 316 -14.78 -14.08 -0.36
CA PHE B 316 -15.67 -14.77 -1.27
C PHE B 316 -16.68 -15.66 -0.55
N ILE B 317 -16.21 -16.56 0.30
CA ILE B 317 -17.13 -17.44 1.01
C ILE B 317 -18.03 -16.67 1.98
N ARG B 318 -17.62 -15.46 2.35
CA ARG B 318 -18.42 -14.65 3.25
C ARG B 318 -19.51 -13.90 2.49
N GLU B 319 -19.16 -13.30 1.36
CA GLU B 319 -20.11 -12.53 0.56
C GLU B 319 -21.05 -13.42 -0.25
N PHE B 320 -20.50 -14.43 -0.91
CA PHE B 320 -21.34 -15.32 -1.71
C PHE B 320 -21.84 -16.49 -0.87
N THR B 321 -22.90 -17.13 -1.34
CA THR B 321 -23.49 -18.25 -0.60
C THR B 321 -23.46 -19.56 -1.37
N LYS B 322 -23.48 -19.49 -2.69
CA LYS B 322 -23.49 -20.69 -3.51
C LYS B 322 -22.42 -20.75 -4.61
N LEU B 323 -21.82 -21.92 -4.76
CA LEU B 323 -20.81 -22.17 -5.78
C LEU B 323 -21.26 -23.41 -6.54
N GLU B 324 -21.28 -23.32 -7.86
CA GLU B 324 -21.68 -24.43 -8.71
C GLU B 324 -20.52 -24.86 -9.61
N ILE B 325 -20.26 -26.15 -9.66
CA ILE B 325 -19.19 -26.67 -10.50
C ILE B 325 -19.74 -27.76 -11.39
N CYS B 326 -19.49 -27.64 -12.69
CA CYS B 326 -19.93 -28.67 -13.62
C CYS B 326 -18.68 -29.36 -14.16
N ASN B 327 -18.58 -30.65 -13.87
CA ASN B 327 -17.43 -31.45 -14.31
C ASN B 327 -17.86 -32.29 -15.50
N LEU B 328 -17.06 -32.29 -16.55
CA LEU B 328 -17.38 -33.07 -17.73
C LEU B 328 -16.38 -34.20 -17.92
#